data_6ZYR
#
_entry.id   6ZYR
#
_cell.length_a   48.555
_cell.length_b   78.003
_cell.length_c   261.107
_cell.angle_alpha   90.000
_cell.angle_beta   90.000
_cell.angle_gamma   90.000
#
_symmetry.space_group_name_H-M   'P 21 21 21'
#
loop_
_entity.id
_entity.type
_entity.pdbx_description
1 polymer 'Beta-lactamase IMP-1'
2 non-polymer 'ZINC ION'
3 non-polymer '(2~{S},4~{R})-2-ethoxycarbonyl-5,5-dimethyl-2-(sulfanylmethyl)-1,3-thiazolidine-4-carboxylic acid'
4 non-polymer 1,2-ETHANEDIOL
5 non-polymer 'SODIUM ION'
6 non-polymer 'ACETATE ION'
7 water water
#
_entity_poly.entity_id   1
_entity_poly.type   'polypeptide(L)'
_entity_poly.pdbx_seq_one_letter_code
;GPAESLPDLKIEKLDEGVYVHTSFEEVNGWGVVPKHGLVVLVNAEAYLIDTPFTAKDTEKLVTWFVERGYKIKGSISSHF
HSDSTGGIEWLNSRSIPTYASELTNELLKKDGKVQATNSFSGVNYWLVKNKIEVFYPGPGHTPDNVVVWLPERKILFGGC
FIKPYGLGNLGDANIEAWPKSAKLLKSKYGKAKLVVPSHSEVGDASLLKLTLEQAVKGLNESKKPSKPSN
;
_entity_poly.pdbx_strand_id   A,B,C,D
#
# COMPACT_ATOMS: atom_id res chain seq x y z
N SER A 5 -0.98 20.67 7.93
CA SER A 5 -2.26 20.06 7.59
C SER A 5 -2.40 19.74 6.10
N LEU A 6 -2.69 18.48 5.82
CA LEU A 6 -2.88 17.93 4.47
C LEU A 6 -4.31 18.14 3.99
N PRO A 7 -4.52 18.34 2.70
CA PRO A 7 -5.89 18.40 2.18
C PRO A 7 -6.70 17.17 2.58
N ASP A 8 -8.00 17.38 2.74
CA ASP A 8 -8.92 16.32 3.11
C ASP A 8 -9.22 15.39 1.93
N LEU A 9 -9.61 14.16 2.28
CA LEU A 9 -10.14 13.23 1.28
C LEU A 9 -11.21 13.89 0.42
N LYS A 10 -11.03 13.77 -0.90
CA LYS A 10 -12.01 14.25 -1.88
C LYS A 10 -12.66 13.06 -2.56
N ILE A 11 -13.95 13.18 -2.84
CA ILE A 11 -14.69 12.19 -3.60
C ILE A 11 -15.45 12.94 -4.69
N GLU A 12 -15.23 12.56 -5.94
CA GLU A 12 -15.76 13.28 -7.09
C GLU A 12 -16.29 12.28 -8.11
N LYS A 13 -17.51 12.52 -8.59
CA LYS A 13 -18.09 11.65 -9.60
C LYS A 13 -17.36 11.82 -10.92
N LEU A 14 -16.96 10.71 -11.52
CA LEU A 14 -16.27 10.70 -12.81
C LEU A 14 -17.18 10.28 -13.95
N ASP A 15 -18.09 9.34 -13.69
CA ASP A 15 -19.02 8.80 -14.67
C ASP A 15 -20.12 8.10 -13.89
N GLU A 16 -21.16 7.65 -14.61
CA GLU A 16 -22.18 6.83 -13.96
C GLU A 16 -21.53 5.65 -13.26
N GLY A 17 -21.84 5.50 -11.97
CA GLY A 17 -21.27 4.42 -11.17
C GLY A 17 -19.78 4.47 -10.95
N VAL A 18 -19.11 5.59 -11.23
CA VAL A 18 -17.65 5.64 -11.07
C VAL A 18 -17.29 6.95 -10.38
N TYR A 19 -16.58 6.85 -9.25
CA TYR A 19 -16.14 8.00 -8.46
C TYR A 19 -14.62 7.95 -8.30
N VAL A 20 -14.00 9.11 -8.34
CA VAL A 20 -12.56 9.21 -8.08
C VAL A 20 -12.38 9.68 -6.64
N HIS A 21 -11.63 8.93 -5.85
CA HIS A 21 -11.25 9.39 -4.51
C HIS A 21 -9.80 9.85 -4.54
N THR A 22 -9.56 10.99 -3.91
CA THR A 22 -8.24 11.60 -3.88
C THR A 22 -7.82 11.78 -2.44
N SER A 23 -6.72 11.17 -2.06
CA SER A 23 -6.15 11.34 -0.72
C SER A 23 -4.76 11.97 -0.85
N PHE A 24 -4.25 12.49 0.25
CA PHE A 24 -3.00 13.25 0.23
C PHE A 24 -2.10 12.80 1.37
N GLU A 25 -0.80 12.75 1.09
CA GLU A 25 0.18 12.35 2.07
C GLU A 25 1.45 13.16 1.84
N GLU A 26 2.18 13.45 2.91
CA GLU A 26 3.50 14.06 2.79
C GLU A 26 4.52 12.95 2.63
N VAL A 27 5.26 12.97 1.52
CA VAL A 27 6.21 11.94 1.17
C VAL A 27 7.58 12.61 1.08
N ASN A 28 8.51 12.20 1.95
CA ASN A 28 9.76 12.94 2.08
C ASN A 28 10.47 13.02 0.74
N GLY A 29 10.81 14.24 0.34
CA GLY A 29 11.43 14.49 -0.95
C GLY A 29 10.46 14.79 -2.07
N TRP A 30 9.17 14.53 -1.88
CA TRP A 30 8.15 14.83 -2.86
C TRP A 30 7.12 15.84 -2.37
N GLY A 31 7.16 16.20 -1.09
CA GLY A 31 6.16 17.11 -0.54
C GLY A 31 4.79 16.44 -0.46
N VAL A 32 3.74 17.24 -0.66
CA VAL A 32 2.38 16.72 -0.63
C VAL A 32 2.10 16.02 -1.94
N VAL A 33 1.75 14.74 -1.86
CA VAL A 33 1.50 13.90 -3.03
C VAL A 33 0.00 13.56 -3.05
N PRO A 34 -0.72 13.89 -4.12
CA PRO A 34 -2.08 13.38 -4.28
C PRO A 34 -2.08 11.95 -4.80
N LYS A 35 -3.10 11.19 -4.40
CA LYS A 35 -3.29 9.83 -4.91
C LYS A 35 -4.74 9.66 -5.30
N HIS A 36 -4.97 9.30 -6.58
CA HIS A 36 -6.32 9.04 -7.10
C HIS A 36 -6.57 7.54 -7.09
N GLY A 37 -7.75 7.13 -6.59
CA GLY A 37 -8.28 5.81 -6.82
C GLY A 37 -9.72 5.93 -7.30
N LEU A 38 -10.37 4.77 -7.46
CA LEU A 38 -11.77 4.78 -7.86
C LEU A 38 -12.61 4.08 -6.81
N VAL A 39 -13.87 4.47 -6.75
CA VAL A 39 -14.92 3.63 -6.20
C VAL A 39 -15.89 3.34 -7.34
N VAL A 40 -16.15 2.05 -7.59
CA VAL A 40 -16.99 1.63 -8.69
C VAL A 40 -18.25 1.00 -8.10
N LEU A 41 -19.42 1.44 -8.59
CA LEU A 41 -20.70 0.93 -8.10
C LEU A 41 -21.26 -0.08 -9.08
N VAL A 42 -21.66 -1.26 -8.59
CA VAL A 42 -22.37 -2.27 -9.37
C VAL A 42 -23.62 -2.60 -8.57
N ASN A 43 -24.77 -2.20 -9.06
CA ASN A 43 -26.04 -2.36 -8.34
C ASN A 43 -25.91 -1.58 -7.04
N ALA A 44 -26.13 -2.18 -5.88
CA ALA A 44 -26.00 -1.48 -4.62
C ALA A 44 -24.69 -1.80 -3.92
N GLU A 45 -23.69 -2.27 -4.66
CA GLU A 45 -22.43 -2.67 -4.06
C GLU A 45 -21.32 -1.77 -4.60
N ALA A 46 -20.33 -1.52 -3.75
CA ALA A 46 -19.22 -0.64 -4.04
C ALA A 46 -17.91 -1.42 -3.99
N TYR A 47 -17.02 -1.14 -4.95
CA TYR A 47 -15.69 -1.72 -5.00
C TYR A 47 -14.66 -0.60 -4.96
N LEU A 48 -13.67 -0.73 -4.09
CA LEU A 48 -12.62 0.24 -4.02
C LEU A 48 -11.52 -0.17 -4.95
N ILE A 49 -11.11 0.74 -5.82
CA ILE A 49 -10.00 0.49 -6.69
C ILE A 49 -8.88 1.30 -6.10
N ASP A 50 -8.05 0.61 -5.35
CA ASP A 50 -6.94 1.13 -4.59
C ASP A 50 -7.54 1.76 -3.33
N THR A 51 -6.84 1.66 -2.22
CA THR A 51 -7.23 2.30 -1.00
C THR A 51 -6.48 3.63 -0.88
N PRO A 52 -7.07 4.55 -0.03
CA PRO A 52 -6.30 5.78 0.18
C PRO A 52 -5.02 5.44 0.95
N PHE A 53 -4.14 6.41 1.04
CA PHE A 53 -2.89 6.29 1.78
C PHE A 53 -3.10 5.64 3.15
N THR A 54 -4.14 6.05 3.89
CA THR A 54 -4.21 5.72 5.30
C THR A 54 -5.53 5.04 5.67
N ALA A 55 -5.51 4.42 6.86
CA ALA A 55 -6.73 3.86 7.42
C ALA A 55 -7.77 4.94 7.68
N LYS A 56 -7.33 6.09 8.19
CA LYS A 56 -8.26 7.20 8.42
C LYS A 56 -9.08 7.49 7.17
N ASP A 57 -8.40 7.72 6.05
CA ASP A 57 -9.12 8.07 4.83
C ASP A 57 -9.87 6.88 4.25
N THR A 58 -9.36 5.66 4.42
CA THR A 58 -10.11 4.50 3.98
C THR A 58 -11.42 4.40 4.73
N GLU A 59 -11.39 4.64 6.05
CA GLU A 59 -12.62 4.63 6.83
C GLU A 59 -13.57 5.74 6.37
N LYS A 60 -13.06 6.96 6.20
CA LYS A 60 -13.89 8.05 5.68
C LYS A 60 -14.53 7.69 4.35
N LEU A 61 -13.75 7.11 3.44
CA LEU A 61 -14.27 6.75 2.12
C LEU A 61 -15.36 5.70 2.24
N VAL A 62 -15.12 4.66 3.05
CA VAL A 62 -16.12 3.62 3.26
C VAL A 62 -17.39 4.20 3.87
N THR A 63 -17.24 5.02 4.91
N THR A 63 -17.24 4.99 4.93
CA THR A 63 -18.43 5.56 5.58
CA THR A 63 -18.40 5.60 5.59
C THR A 63 -19.26 6.43 4.65
C THR A 63 -19.26 6.36 4.59
N TRP A 64 -18.62 7.16 3.74
CA TRP A 64 -19.35 8.01 2.80
C TRP A 64 -20.30 7.18 1.92
N PHE A 65 -19.81 6.06 1.37
CA PHE A 65 -20.64 5.24 0.49
C PHE A 65 -21.64 4.39 1.26
N VAL A 66 -21.28 3.90 2.45
CA VAL A 66 -22.23 3.18 3.28
C VAL A 66 -23.37 4.12 3.68
N GLU A 67 -23.05 5.34 4.11
CA GLU A 67 -24.09 6.28 4.50
C GLU A 67 -25.05 6.57 3.36
N ARG A 68 -24.57 6.40 2.12
CA ARG A 68 -25.39 6.61 0.94
C ARG A 68 -26.01 5.32 0.41
N GLY A 69 -25.86 4.21 1.13
CA GLY A 69 -26.59 3.00 0.84
C GLY A 69 -25.85 1.99 0.00
N TYR A 70 -24.54 2.08 -0.11
CA TYR A 70 -23.76 1.14 -0.89
C TYR A 70 -22.97 0.24 0.04
N LYS A 71 -23.11 -1.08 -0.15
CA LYS A 71 -22.33 -2.05 0.60
C LYS A 71 -20.95 -2.19 -0.01
N ILE A 72 -19.92 -2.14 0.84
CA ILE A 72 -18.54 -2.29 0.35
C ILE A 72 -18.28 -3.78 0.16
N LYS A 73 -18.21 -4.21 -1.10
CA LYS A 73 -18.01 -5.63 -1.39
C LYS A 73 -16.54 -6.01 -1.45
N GLY A 74 -15.64 -5.07 -1.67
CA GLY A 74 -14.23 -5.39 -1.64
C GLY A 74 -13.40 -4.25 -2.15
N SER A 75 -12.09 -4.39 -1.96
CA SER A 75 -11.09 -3.50 -2.54
C SER A 75 -10.12 -4.32 -3.37
N ILE A 76 -9.51 -3.68 -4.36
CA ILE A 76 -8.42 -4.29 -5.09
C ILE A 76 -7.29 -3.28 -5.10
N SER A 77 -6.05 -3.75 -4.90
CA SER A 77 -4.90 -2.85 -4.89
C SER A 77 -4.07 -3.07 -6.13
N SER A 78 -3.69 -1.98 -6.81
CA SER A 78 -3.04 -2.08 -8.12
C SER A 78 -1.55 -2.36 -8.00
N HIS A 79 -0.94 -2.08 -6.85
CA HIS A 79 0.44 -2.51 -6.62
C HIS A 79 0.69 -2.39 -5.13
N PHE A 80 1.90 -2.76 -4.71
CA PHE A 80 2.14 -3.00 -3.28
C PHE A 80 2.45 -1.74 -2.49
N HIS A 81 2.78 -0.62 -3.14
CA HIS A 81 3.11 0.58 -2.36
C HIS A 81 1.93 1.03 -1.51
N SER A 82 2.23 1.69 -0.39
CA SER A 82 1.15 1.97 0.53
C SER A 82 0.16 3.00 0.01
N ASP A 83 0.46 3.72 -1.09
CA ASP A 83 -0.61 4.57 -1.62
C ASP A 83 -1.70 3.78 -2.29
N SER A 84 -1.49 2.48 -2.53
CA SER A 84 -2.54 1.60 -3.02
C SER A 84 -3.04 0.61 -1.96
N THR A 85 -2.25 0.35 -0.93
CA THR A 85 -2.56 -0.69 0.05
C THR A 85 -2.68 -0.20 1.49
N GLY A 86 -2.54 1.11 1.73
CA GLY A 86 -2.47 1.60 3.10
C GLY A 86 -3.71 1.27 3.93
N GLY A 87 -4.85 1.13 3.28
CA GLY A 87 -6.04 0.76 4.04
C GLY A 87 -6.42 -0.71 4.13
N ILE A 88 -5.59 -1.63 3.60
CA ILE A 88 -5.95 -3.05 3.63
C ILE A 88 -6.11 -3.54 5.06
N GLU A 89 -5.17 -3.17 5.95
CA GLU A 89 -5.27 -3.61 7.33
C GLU A 89 -6.60 -3.22 7.94
N TRP A 90 -7.03 -1.98 7.72
CA TRP A 90 -8.29 -1.54 8.31
C TRP A 90 -9.49 -2.25 7.68
N LEU A 91 -9.49 -2.40 6.35
CA LEU A 91 -10.55 -3.18 5.69
C LEU A 91 -10.60 -4.61 6.23
N ASN A 92 -9.45 -5.27 6.36
CA ASN A 92 -9.43 -6.62 6.94
C ASN A 92 -10.05 -6.64 8.33
N SER A 93 -9.71 -5.65 9.17
CA SER A 93 -10.29 -5.59 10.50
C SER A 93 -11.80 -5.41 10.47
N ARG A 94 -12.36 -4.97 9.35
CA ARG A 94 -13.80 -4.83 9.20
C ARG A 94 -14.43 -5.96 8.40
N SER A 95 -13.67 -7.03 8.10
CA SER A 95 -14.16 -8.18 7.34
C SER A 95 -14.67 -7.77 5.96
N ILE A 96 -14.09 -6.73 5.40
CA ILE A 96 -14.34 -6.34 4.00
C ILE A 96 -13.28 -7.00 3.15
N PRO A 97 -13.66 -7.84 2.18
CA PRO A 97 -12.64 -8.57 1.39
C PRO A 97 -11.68 -7.62 0.69
N THR A 98 -10.40 -7.97 0.73
CA THR A 98 -9.35 -7.20 0.05
C THR A 98 -8.69 -8.12 -0.96
N TYR A 99 -8.37 -7.57 -2.13
CA TYR A 99 -7.76 -8.34 -3.22
C TYR A 99 -6.46 -7.69 -3.66
N ALA A 100 -5.50 -8.55 -4.05
CA ALA A 100 -4.27 -8.08 -4.67
C ALA A 100 -3.70 -9.27 -5.42
N SER A 101 -2.79 -8.98 -6.35
CA SER A 101 -2.22 -10.09 -7.09
C SER A 101 -1.33 -10.91 -6.17
N GLU A 102 -1.09 -12.15 -6.56
CA GLU A 102 -0.17 -13.00 -5.83
C GLU A 102 1.17 -12.31 -5.63
N LEU A 103 1.68 -11.68 -6.69
CA LEU A 103 2.98 -11.01 -6.57
C LEU A 103 2.90 -9.80 -5.66
N THR A 104 1.81 -9.02 -5.77
CA THR A 104 1.64 -7.90 -4.83
C THR A 104 1.62 -8.39 -3.40
N ASN A 105 0.91 -9.47 -3.11
CA ASN A 105 0.89 -9.99 -1.75
C ASN A 105 2.26 -10.49 -1.33
N GLU A 106 3.02 -11.06 -2.26
CA GLU A 106 4.37 -11.49 -1.92
C GLU A 106 5.23 -10.30 -1.53
N LEU A 107 5.06 -9.18 -2.22
CA LEU A 107 5.87 -8.00 -1.93
C LEU A 107 5.43 -7.33 -0.62
N LEU A 108 4.12 -7.29 -0.36
CA LEU A 108 3.64 -6.85 0.96
C LEU A 108 4.29 -7.70 2.06
N LYS A 109 4.14 -9.01 1.95
CA LYS A 109 4.72 -9.91 2.94
C LYS A 109 6.21 -9.65 3.13
N LYS A 110 6.94 -9.45 2.03
CA LYS A 110 8.38 -9.23 2.13
C LYS A 110 8.72 -7.96 2.89
N ASP A 111 7.89 -6.92 2.77
CA ASP A 111 8.08 -5.68 3.50
C ASP A 111 7.43 -5.69 4.88
N GLY A 112 6.97 -6.86 5.34
CA GLY A 112 6.38 -6.94 6.66
C GLY A 112 5.06 -6.21 6.79
N LYS A 113 4.35 -6.02 5.67
CA LYS A 113 3.06 -5.31 5.64
C LYS A 113 1.92 -6.33 5.61
N VAL A 114 0.74 -5.89 6.07
CA VAL A 114 -0.44 -6.74 6.01
C VAL A 114 -0.82 -7.05 4.56
N GLN A 115 -1.20 -8.31 4.30
CA GLN A 115 -1.59 -8.73 2.94
C GLN A 115 -3.11 -8.65 2.71
N ALA A 116 -3.50 -8.56 1.45
CA ALA A 116 -4.90 -8.73 1.10
C ALA A 116 -5.33 -10.15 1.42
N THR A 117 -6.61 -10.30 1.78
CA THR A 117 -7.12 -11.62 2.13
C THR A 117 -7.37 -12.51 0.91
N ASN A 118 -7.42 -11.93 -0.29
CA ASN A 118 -7.70 -12.68 -1.50
C ASN A 118 -6.64 -12.35 -2.53
N SER A 119 -6.15 -13.35 -3.25
CA SER A 119 -5.18 -13.07 -4.28
C SER A 119 -5.59 -13.74 -5.59
N PHE A 120 -5.11 -13.19 -6.68
CA PHE A 120 -5.34 -13.73 -8.00
C PHE A 120 -4.01 -13.82 -8.72
N SER A 121 -3.94 -14.72 -9.68
CA SER A 121 -2.69 -15.00 -10.37
C SER A 121 -2.98 -15.17 -11.85
N GLY A 122 -2.38 -14.33 -12.66
CA GLY A 122 -2.50 -14.46 -14.10
C GLY A 122 -2.63 -13.10 -14.76
N VAL A 123 -2.57 -13.07 -16.09
CA VAL A 123 -2.50 -11.80 -16.81
C VAL A 123 -3.83 -11.03 -16.71
N ASN A 124 -4.95 -11.73 -16.77
CA ASN A 124 -6.28 -11.14 -16.67
C ASN A 124 -7.00 -11.74 -15.47
N TYR A 125 -7.86 -10.94 -14.85
CA TYR A 125 -8.68 -11.44 -13.75
C TYR A 125 -9.94 -10.60 -13.66
N TRP A 126 -11.11 -11.25 -13.63
CA TRP A 126 -12.36 -10.54 -13.41
C TRP A 126 -12.59 -10.38 -11.91
N LEU A 127 -12.48 -9.16 -11.40
CA LEU A 127 -12.93 -8.91 -10.04
C LEU A 127 -14.45 -9.04 -9.97
N VAL A 128 -15.15 -8.44 -10.92
CA VAL A 128 -16.59 -8.61 -11.09
C VAL A 128 -16.81 -8.91 -12.57
N LYS A 129 -17.31 -10.11 -12.86
CA LYS A 129 -17.38 -10.54 -14.25
C LYS A 129 -18.14 -9.52 -15.09
N ASN A 130 -17.59 -9.16 -16.25
CA ASN A 130 -18.16 -8.21 -17.21
C ASN A 130 -18.17 -6.77 -16.71
N LYS A 131 -17.67 -6.48 -15.51
CA LYS A 131 -17.77 -5.11 -14.99
C LYS A 131 -16.44 -4.53 -14.56
N ILE A 132 -15.57 -5.34 -13.95
CA ILE A 132 -14.34 -4.83 -13.37
C ILE A 132 -13.26 -5.85 -13.68
N GLU A 133 -12.35 -5.48 -14.56
CA GLU A 133 -11.32 -6.38 -15.04
C GLU A 133 -9.96 -5.88 -14.56
N VAL A 134 -9.10 -6.82 -14.22
CA VAL A 134 -7.73 -6.54 -13.80
C VAL A 134 -6.79 -7.08 -14.87
N PHE A 135 -5.78 -6.30 -15.23
CA PHE A 135 -4.86 -6.69 -16.28
C PHE A 135 -3.44 -6.34 -15.85
N TYR A 136 -2.51 -7.28 -16.06
CA TYR A 136 -1.09 -7.10 -15.79
C TYR A 136 -0.35 -6.78 -17.08
N PRO A 137 0.09 -5.54 -17.31
CA PRO A 137 0.81 -5.25 -18.56
C PRO A 137 2.27 -5.69 -18.56
N GLY A 138 2.79 -6.19 -17.44
CA GLY A 138 4.20 -6.41 -17.28
C GLY A 138 4.81 -5.39 -16.33
N PRO A 139 6.07 -5.60 -15.94
CA PRO A 139 6.71 -4.71 -14.98
C PRO A 139 6.86 -3.30 -15.52
N GLY A 140 6.79 -2.32 -14.61
CA GLY A 140 7.04 -0.94 -15.00
C GLY A 140 7.42 -0.08 -13.83
N HIS A 141 6.42 0.63 -13.27
CA HIS A 141 6.64 1.39 -12.05
C HIS A 141 7.08 0.49 -10.90
N THR A 142 6.51 -0.72 -10.80
CA THR A 142 6.94 -1.76 -9.88
C THR A 142 6.84 -3.09 -10.63
N PRO A 143 7.39 -4.19 -10.11
CA PRO A 143 7.24 -5.48 -10.82
C PRO A 143 5.81 -5.97 -10.88
N ASP A 144 4.95 -5.52 -9.97
CA ASP A 144 3.63 -6.12 -9.79
C ASP A 144 2.49 -5.26 -10.32
N ASN A 145 2.75 -4.04 -10.79
CA ASN A 145 1.67 -3.10 -11.08
C ASN A 145 0.65 -3.71 -12.04
N VAL A 146 -0.63 -3.56 -11.70
CA VAL A 146 -1.73 -3.96 -12.56
C VAL A 146 -2.61 -2.75 -12.81
N VAL A 147 -3.47 -2.87 -13.82
CA VAL A 147 -4.44 -1.83 -14.14
C VAL A 147 -5.82 -2.45 -14.02
N VAL A 148 -6.84 -1.60 -13.95
CA VAL A 148 -8.21 -2.01 -13.77
C VAL A 148 -9.05 -1.38 -14.86
N TRP A 149 -9.85 -2.18 -15.52
CA TRP A 149 -10.60 -1.77 -16.70
C TRP A 149 -12.08 -1.93 -16.43
N LEU A 150 -12.85 -0.88 -16.73
CA LEU A 150 -14.29 -0.90 -16.59
C LEU A 150 -14.88 -0.96 -18.01
N PRO A 151 -15.15 -2.16 -18.53
CA PRO A 151 -15.62 -2.27 -19.92
C PRO A 151 -16.90 -1.51 -20.23
N GLU A 152 -17.84 -1.40 -19.28
CA GLU A 152 -19.10 -0.73 -19.59
C GLU A 152 -18.94 0.78 -19.70
N ARG A 153 -17.87 1.34 -19.17
CA ARG A 153 -17.61 2.76 -19.26
C ARG A 153 -16.41 3.08 -20.14
N LYS A 154 -15.60 2.08 -20.51
CA LYS A 154 -14.37 2.28 -21.25
C LYS A 154 -13.43 3.19 -20.47
N ILE A 155 -13.33 2.93 -19.17
CA ILE A 155 -12.47 3.67 -18.26
C ILE A 155 -11.36 2.75 -17.79
N LEU A 156 -10.12 3.22 -17.86
CA LEU A 156 -8.98 2.46 -17.40
C LEU A 156 -8.35 3.19 -16.22
N PHE A 157 -8.26 2.49 -15.07
CA PHE A 157 -7.46 2.98 -13.96
C PHE A 157 -6.03 2.48 -14.16
N GLY A 158 -5.13 3.41 -14.46
CA GLY A 158 -3.76 3.03 -14.74
C GLY A 158 -2.87 3.01 -13.54
N GLY A 159 -3.32 3.60 -12.43
CA GLY A 159 -2.52 3.51 -11.23
C GLY A 159 -1.21 4.28 -11.35
N CYS A 160 -0.19 3.80 -10.65
CA CYS A 160 1.09 4.48 -10.66
C CYS A 160 1.92 4.12 -11.88
N PHE A 161 1.39 3.23 -12.73
CA PHE A 161 2.03 2.87 -14.00
C PHE A 161 1.90 3.99 -15.03
N ILE A 162 0.81 4.77 -14.98
CA ILE A 162 0.57 5.81 -15.97
C ILE A 162 1.31 7.07 -15.52
N LYS A 163 2.34 7.45 -16.29
CA LYS A 163 3.25 8.55 -15.93
C LYS A 163 3.44 9.48 -17.13
N PRO A 164 2.50 10.40 -17.36
CA PRO A 164 2.50 11.14 -18.63
C PRO A 164 3.58 12.22 -18.72
N TYR A 165 4.03 12.74 -17.59
CA TYR A 165 4.95 13.89 -17.58
C TYR A 165 6.29 13.58 -16.91
N GLY A 166 6.55 12.33 -16.60
CA GLY A 166 7.79 11.91 -15.93
C GLY A 166 7.49 10.69 -15.07
N LEU A 167 8.48 9.81 -14.97
CA LEU A 167 8.29 8.48 -14.37
C LEU A 167 8.23 8.50 -12.85
N GLY A 168 8.80 9.50 -12.19
CA GLY A 168 8.76 9.52 -10.74
C GLY A 168 9.84 8.66 -10.13
N ASN A 169 9.56 8.15 -8.93
CA ASN A 169 10.52 7.34 -8.20
C ASN A 169 10.78 6.02 -8.92
N LEU A 170 12.04 5.77 -9.28
CA LEU A 170 12.45 4.56 -9.95
C LEU A 170 12.99 3.49 -8.99
N GLY A 171 12.81 3.67 -7.68
CA GLY A 171 13.45 2.78 -6.73
C GLY A 171 13.04 1.33 -6.89
N ASP A 172 11.74 1.08 -7.10
CA ASP A 172 11.22 -0.25 -7.33
C ASP A 172 10.91 -0.52 -8.80
N ALA A 173 11.33 0.36 -9.70
CA ALA A 173 10.91 0.33 -11.08
C ALA A 173 11.77 -0.64 -11.88
N ASN A 174 11.17 -1.19 -12.93
CA ASN A 174 11.88 -1.99 -13.93
C ASN A 174 11.91 -1.17 -15.22
N ILE A 175 12.89 -0.29 -15.32
CA ILE A 175 12.92 0.67 -16.42
C ILE A 175 13.18 -0.02 -17.76
N GLU A 176 13.84 -1.17 -17.76
CA GLU A 176 14.06 -1.86 -19.02
C GLU A 176 12.78 -2.51 -19.55
N ALA A 177 11.83 -2.83 -18.68
CA ALA A 177 10.59 -3.48 -19.11
C ALA A 177 9.47 -2.49 -19.37
N TRP A 178 9.49 -1.33 -18.71
CA TRP A 178 8.40 -0.37 -18.80
C TRP A 178 8.01 0.00 -20.24
N PRO A 179 8.94 0.23 -21.18
CA PRO A 179 8.49 0.51 -22.55
C PRO A 179 7.65 -0.62 -23.13
N LYS A 180 8.10 -1.87 -23.00
CA LYS A 180 7.32 -3.01 -23.48
C LYS A 180 5.98 -3.13 -22.77
N SER A 181 5.98 -3.04 -21.44
CA SER A 181 4.72 -3.10 -20.71
C SER A 181 3.78 -1.98 -21.13
N ALA A 182 4.35 -0.79 -21.40
CA ALA A 182 3.54 0.36 -21.81
C ALA A 182 2.99 0.17 -23.21
N LYS A 183 3.80 -0.40 -24.12
CA LYS A 183 3.28 -0.70 -25.46
C LYS A 183 2.14 -1.70 -25.40
N LEU A 184 2.28 -2.74 -24.55
CA LEU A 184 1.19 -3.71 -24.40
C LEU A 184 -0.07 -3.04 -23.86
N LEU A 185 0.08 -2.17 -22.86
CA LEU A 185 -1.10 -1.50 -22.31
C LEU A 185 -1.78 -0.65 -23.37
N LYS A 186 -0.99 0.09 -24.15
CA LYS A 186 -1.58 0.97 -25.14
C LYS A 186 -2.33 0.17 -26.19
N SER A 187 -1.77 -0.98 -26.60
CA SER A 187 -2.42 -1.76 -27.65
C SER A 187 -3.70 -2.40 -27.15
N LYS A 188 -3.79 -2.68 -25.85
CA LYS A 188 -5.00 -3.30 -25.33
C LYS A 188 -6.09 -2.27 -25.03
N TYR A 189 -5.72 -1.08 -24.57
CA TYR A 189 -6.70 -0.08 -24.15
C TYR A 189 -6.65 1.20 -24.96
N GLY A 190 -6.11 1.15 -26.19
CA GLY A 190 -6.02 2.33 -27.03
C GLY A 190 -7.34 3.05 -27.25
N LYS A 191 -8.46 2.36 -27.04
CA LYS A 191 -9.79 2.93 -27.24
C LYS A 191 -10.44 3.36 -25.94
N ALA A 192 -9.69 3.40 -24.84
CA ALA A 192 -10.24 3.88 -23.58
C ALA A 192 -10.79 5.29 -23.75
N LYS A 193 -11.97 5.52 -23.18
CA LYS A 193 -12.51 6.87 -23.13
C LYS A 193 -11.75 7.71 -22.10
N LEU A 194 -11.50 7.16 -20.91
CA LEU A 194 -10.77 7.87 -19.87
C LEU A 194 -9.68 7.00 -19.29
N VAL A 195 -8.55 7.61 -18.97
CA VAL A 195 -7.43 6.95 -18.30
C VAL A 195 -7.18 7.70 -17.00
N VAL A 196 -7.22 6.99 -15.89
CA VAL A 196 -7.11 7.57 -14.56
C VAL A 196 -5.73 7.22 -14.01
N PRO A 197 -4.82 8.18 -13.92
CA PRO A 197 -3.55 7.95 -13.23
C PRO A 197 -3.67 8.09 -11.72
N SER A 198 -2.66 7.55 -11.03
CA SER A 198 -2.60 7.69 -9.57
C SER A 198 -2.26 9.11 -9.16
N HIS A 199 -1.33 9.77 -9.87
CA HIS A 199 -0.70 10.98 -9.37
C HIS A 199 -0.83 12.21 -10.29
N SER A 200 -1.57 12.12 -11.39
CA SER A 200 -1.86 13.28 -12.22
C SER A 200 -3.33 13.22 -12.64
N GLU A 201 -3.77 14.24 -13.38
CA GLU A 201 -5.19 14.40 -13.68
C GLU A 201 -5.67 13.35 -14.68
N VAL A 202 -6.97 13.06 -14.62
CA VAL A 202 -7.59 12.17 -15.59
C VAL A 202 -7.44 12.74 -17.00
N GLY A 203 -7.25 11.86 -17.98
CA GLY A 203 -7.17 12.24 -19.38
C GLY A 203 -7.77 11.18 -20.29
N ASP A 204 -7.47 11.24 -21.58
CA ASP A 204 -7.98 10.26 -22.53
C ASP A 204 -6.91 9.22 -22.84
N ALA A 205 -7.07 8.50 -23.94
CA ALA A 205 -6.15 7.42 -24.27
C ALA A 205 -4.74 7.92 -24.54
N SER A 206 -4.58 9.22 -24.86
CA SER A 206 -3.23 9.74 -25.10
C SER A 206 -2.32 9.57 -23.89
N LEU A 207 -2.88 9.47 -22.67
CA LEU A 207 -2.04 9.18 -21.51
C LEU A 207 -1.34 7.85 -21.67
N LEU A 208 -1.91 6.94 -22.46
CA LEU A 208 -1.20 5.71 -22.78
C LEU A 208 -0.02 5.99 -23.69
N LYS A 209 -0.22 6.84 -24.70
CA LYS A 209 0.87 7.22 -25.58
C LYS A 209 1.96 7.98 -24.83
N LEU A 210 1.55 9.00 -24.05
CA LEU A 210 2.52 9.77 -23.27
C LEU A 210 3.30 8.88 -22.32
N THR A 211 2.63 7.92 -21.67
CA THR A 211 3.35 7.03 -20.76
C THR A 211 4.43 6.26 -21.51
N LEU A 212 4.06 5.64 -22.63
CA LEU A 212 5.03 4.92 -23.45
C LEU A 212 6.20 5.82 -23.82
N GLU A 213 5.92 7.06 -24.22
CA GLU A 213 6.99 7.99 -24.55
C GLU A 213 7.88 8.27 -23.35
N GLN A 214 7.28 8.46 -22.17
CA GLN A 214 8.09 8.72 -20.98
C GLN A 214 8.93 7.50 -20.60
N ALA A 215 8.37 6.29 -20.79
CA ALA A 215 9.13 5.09 -20.50
C ALA A 215 10.31 4.94 -21.45
N VAL A 216 10.07 5.11 -22.75
CA VAL A 216 11.17 5.02 -23.72
C VAL A 216 12.24 6.05 -23.40
N LYS A 217 11.83 7.27 -23.04
CA LYS A 217 12.81 8.32 -22.72
C LYS A 217 13.54 8.03 -21.41
N GLY A 218 12.84 7.46 -20.42
CA GLY A 218 13.51 7.08 -19.19
C GLY A 218 14.55 6.00 -19.41
N LEU A 219 14.23 5.01 -20.25
CA LEU A 219 15.19 3.96 -20.55
C LEU A 219 16.39 4.52 -21.32
N ASN A 220 16.16 5.49 -22.21
CA ASN A 220 17.26 6.10 -22.95
C ASN A 220 18.17 6.90 -22.02
N GLU A 221 17.58 7.68 -21.12
CA GLU A 221 18.38 8.55 -20.25
C GLU A 221 19.29 7.76 -19.32
N SER A 222 19.01 6.47 -19.10
CA SER A 222 19.88 5.64 -18.26
C SER A 222 20.99 5.00 -19.11
N LYS A 223 21.79 5.88 -19.71
CA LYS A 223 22.96 5.44 -20.46
C LYS A 223 24.24 5.79 -19.69
N SER B 5 -25.10 -46.23 7.40
CA SER B 5 -24.36 -45.04 7.81
C SER B 5 -23.06 -44.91 6.99
N LEU B 6 -22.60 -43.68 6.77
CA LEU B 6 -21.48 -43.46 5.85
C LEU B 6 -20.17 -43.95 6.45
N PRO B 7 -19.33 -44.60 5.64
CA PRO B 7 -17.99 -45.00 6.10
C PRO B 7 -17.14 -43.83 6.53
N ASP B 8 -16.16 -44.13 7.40
CA ASP B 8 -15.27 -43.12 7.93
C ASP B 8 -14.25 -42.69 6.88
N LEU B 9 -13.76 -41.47 7.05
CA LEU B 9 -12.62 -40.97 6.29
C LEU B 9 -11.43 -41.94 6.36
N LYS B 10 -10.88 -42.29 5.20
CA LYS B 10 -9.65 -43.07 5.12
C LYS B 10 -8.47 -42.16 4.77
N ILE B 11 -7.33 -42.43 5.39
CA ILE B 11 -6.05 -41.80 5.08
C ILE B 11 -5.02 -42.93 4.94
N GLU B 12 -4.45 -43.08 3.75
CA GLU B 12 -3.45 -44.12 3.46
C GLU B 12 -2.27 -43.54 2.70
N LYS B 13 -1.06 -43.93 3.12
CA LYS B 13 0.13 -43.50 2.40
C LYS B 13 0.17 -44.12 1.01
N LEU B 14 0.49 -43.30 0.01
CA LEU B 14 0.59 -43.75 -1.36
C LEU B 14 2.02 -43.78 -1.87
N ASP B 15 2.86 -42.87 -1.38
CA ASP B 15 4.27 -42.73 -1.76
C ASP B 15 4.89 -41.80 -0.72
N GLU B 16 6.20 -41.63 -0.78
CA GLU B 16 6.87 -40.72 0.14
C GLU B 16 6.27 -39.33 0.06
N GLY B 17 5.79 -38.83 1.19
CA GLY B 17 5.16 -37.53 1.25
C GLY B 17 3.84 -37.40 0.54
N VAL B 18 3.18 -38.50 0.19
CA VAL B 18 1.92 -38.44 -0.55
C VAL B 18 0.95 -39.43 0.07
N TYR B 19 -0.22 -38.94 0.49
CA TYR B 19 -1.27 -39.74 1.09
C TYR B 19 -2.55 -39.57 0.27
N VAL B 20 -3.36 -40.62 0.23
CA VAL B 20 -4.69 -40.57 -0.36
C VAL B 20 -5.69 -40.47 0.78
N HIS B 21 -6.52 -39.44 0.76
CA HIS B 21 -7.67 -39.38 1.66
C HIS B 21 -8.93 -39.77 0.89
N THR B 22 -9.75 -40.63 1.50
CA THR B 22 -11.00 -41.07 0.90
C THR B 22 -12.15 -40.75 1.84
N SER B 23 -13.10 -39.98 1.36
CA SER B 23 -14.32 -39.67 2.09
C SER B 23 -15.50 -40.24 1.29
N PHE B 24 -16.67 -40.28 1.91
CA PHE B 24 -17.79 -41.02 1.36
C PHE B 24 -19.07 -40.22 1.49
N GLU B 25 -19.90 -40.25 0.46
CA GLU B 25 -21.16 -39.53 0.47
C GLU B 25 -22.22 -40.35 -0.23
N GLU B 26 -23.45 -40.24 0.25
CA GLU B 26 -24.57 -40.81 -0.48
C GLU B 26 -25.00 -39.83 -1.58
N VAL B 27 -25.16 -40.34 -2.79
CA VAL B 27 -25.54 -39.54 -3.96
C VAL B 27 -26.64 -40.28 -4.70
N ASN B 28 -27.80 -39.64 -4.84
CA ASN B 28 -28.96 -40.25 -5.48
C ASN B 28 -28.59 -40.92 -6.80
N GLY B 29 -29.01 -42.17 -6.96
CA GLY B 29 -28.78 -42.91 -8.19
C GLY B 29 -27.45 -43.61 -8.30
N TRP B 30 -26.50 -43.32 -7.40
CA TRP B 30 -25.17 -43.92 -7.44
C TRP B 30 -24.85 -44.75 -6.22
N GLY B 31 -25.61 -44.60 -5.13
CA GLY B 31 -25.27 -45.26 -3.87
C GLY B 31 -24.19 -44.50 -3.12
N VAL B 32 -23.45 -45.22 -2.27
CA VAL B 32 -22.30 -44.64 -1.59
C VAL B 32 -21.20 -44.41 -2.61
N VAL B 33 -20.75 -43.17 -2.71
CA VAL B 33 -19.73 -42.77 -3.67
C VAL B 33 -18.44 -42.46 -2.92
N PRO B 34 -17.32 -43.13 -3.21
CA PRO B 34 -16.05 -42.72 -2.61
C PRO B 34 -15.49 -41.53 -3.35
N LYS B 35 -14.67 -40.75 -2.66
CA LYS B 35 -13.98 -39.61 -3.27
C LYS B 35 -12.54 -39.62 -2.75
N HIS B 36 -11.59 -39.82 -3.67
CA HIS B 36 -10.16 -39.73 -3.35
C HIS B 36 -9.65 -38.31 -3.55
N GLY B 37 -8.89 -37.82 -2.57
CA GLY B 37 -8.00 -36.68 -2.75
C GLY B 37 -6.61 -37.06 -2.27
N LEU B 38 -5.72 -36.07 -2.27
CA LEU B 38 -4.37 -36.29 -1.76
C LEU B 38 -4.04 -35.33 -0.62
N VAL B 39 -3.09 -35.75 0.21
CA VAL B 39 -2.33 -34.84 1.05
C VAL B 39 -0.88 -34.98 0.62
N VAL B 40 -0.23 -33.84 0.34
CA VAL B 40 1.16 -33.82 -0.11
C VAL B 40 1.97 -33.05 0.92
N LEU B 41 3.03 -33.67 1.41
CA LEU B 41 3.90 -33.04 2.39
C LEU B 41 5.07 -32.36 1.70
N VAL B 42 5.26 -31.08 1.99
CA VAL B 42 6.42 -30.33 1.52
C VAL B 42 7.09 -29.77 2.76
N ASN B 43 8.32 -30.20 3.01
CA ASN B 43 9.03 -29.78 4.21
C ASN B 43 8.16 -29.99 5.45
N ALA B 44 7.44 -31.10 5.46
CA ALA B 44 6.68 -31.51 6.64
C ALA B 44 5.55 -30.54 6.94
N GLU B 45 5.01 -29.93 5.89
CA GLU B 45 3.73 -29.24 5.93
C GLU B 45 2.83 -29.81 4.83
N ALA B 46 1.54 -29.84 5.13
CA ALA B 46 0.57 -30.56 4.32
C ALA B 46 -0.14 -29.61 3.36
N TYR B 47 -0.31 -30.06 2.12
CA TYR B 47 -1.18 -29.42 1.14
C TYR B 47 -2.28 -30.40 0.79
N LEU B 48 -3.53 -29.95 0.88
CA LEU B 48 -4.66 -30.79 0.51
C LEU B 48 -4.92 -30.65 -0.98
N ILE B 49 -4.92 -31.75 -1.69
CA ILE B 49 -5.29 -31.77 -3.07
C ILE B 49 -6.75 -32.27 -3.05
N ASP B 50 -7.67 -31.33 -3.10
CA ASP B 50 -9.08 -31.54 -3.02
C ASP B 50 -9.44 -31.71 -1.54
N THR B 51 -10.59 -31.19 -1.15
CA THR B 51 -11.06 -31.36 0.17
C THR B 51 -12.08 -32.50 0.15
N PRO B 52 -12.28 -33.15 1.27
CA PRO B 52 -13.39 -34.11 1.36
C PRO B 52 -14.75 -33.47 1.04
N PHE B 53 -15.81 -34.27 1.01
CA PHE B 53 -17.15 -33.77 0.71
C PHE B 53 -17.62 -32.73 1.72
N THR B 54 -17.32 -32.91 3.00
CA THR B 54 -17.93 -32.15 4.09
C THR B 54 -16.89 -31.49 4.99
N ALA B 55 -17.33 -30.45 5.70
CA ALA B 55 -16.50 -29.85 6.74
C ALA B 55 -16.07 -30.89 7.78
N LYS B 56 -16.98 -31.80 8.17
CA LYS B 56 -16.62 -32.79 9.18
C LYS B 56 -15.37 -33.56 8.77
N ASP B 57 -15.36 -34.08 7.54
CA ASP B 57 -14.20 -34.86 7.12
C ASP B 57 -13.02 -33.98 6.77
N THR B 58 -13.26 -32.73 6.38
CA THR B 58 -12.10 -31.85 6.23
C THR B 58 -11.45 -31.60 7.58
N GLU B 59 -12.26 -31.35 8.61
CA GLU B 59 -11.73 -31.18 9.95
C GLU B 59 -10.99 -32.44 10.44
N LYS B 60 -11.57 -33.63 10.21
CA LYS B 60 -10.89 -34.86 10.62
C LYS B 60 -9.56 -35.01 9.89
N LEU B 61 -9.56 -34.74 8.59
CA LEU B 61 -8.34 -34.83 7.81
C LEU B 61 -7.28 -33.86 8.32
N VAL B 62 -7.67 -32.60 8.50
CA VAL B 62 -6.69 -31.60 8.95
C VAL B 62 -6.18 -31.93 10.34
N THR B 63 -7.08 -32.32 11.26
N THR B 63 -7.10 -32.28 11.26
CA THR B 63 -6.67 -32.62 12.62
CA THR B 63 -6.73 -32.65 12.62
C THR B 63 -5.76 -33.84 12.68
C THR B 63 -5.76 -33.82 12.66
N TRP B 64 -5.97 -34.82 11.80
CA TRP B 64 -5.07 -35.97 11.77
C TRP B 64 -3.63 -35.51 11.50
N PHE B 65 -3.44 -34.62 10.53
CA PHE B 65 -2.08 -34.14 10.23
C PHE B 65 -1.59 -33.14 11.26
N VAL B 66 -2.44 -32.22 11.71
CA VAL B 66 -1.97 -31.19 12.63
C VAL B 66 -1.57 -31.81 13.97
N GLU B 67 -2.37 -32.76 14.49
N GLU B 67 -2.38 -32.75 14.48
CA GLU B 67 -1.99 -33.38 15.75
CA GLU B 67 -2.03 -33.44 15.72
C GLU B 67 -0.74 -34.23 15.62
C GLU B 67 -0.67 -34.12 15.61
N ARG B 68 -0.29 -34.53 14.41
CA ARG B 68 1.01 -35.18 14.19
C ARG B 68 2.09 -34.19 13.82
N GLY B 69 1.85 -32.89 14.01
CA GLY B 69 2.85 -31.87 13.82
C GLY B 69 2.92 -31.27 12.44
N TYR B 70 2.05 -31.70 11.51
CA TYR B 70 2.06 -31.21 10.13
C TYR B 70 1.03 -30.09 9.99
N LYS B 71 1.49 -28.82 10.07
CA LYS B 71 0.60 -27.69 9.77
C LYS B 71 0.10 -27.77 8.33
N ILE B 72 -1.09 -27.21 8.09
CA ILE B 72 -1.72 -27.19 6.77
C ILE B 72 -1.31 -25.90 6.07
N LYS B 73 -0.59 -26.01 4.94
CA LYS B 73 -0.20 -24.81 4.20
C LYS B 73 -1.27 -24.32 3.23
N GLY B 74 -2.08 -25.21 2.70
CA GLY B 74 -3.17 -24.76 1.86
C GLY B 74 -3.90 -25.95 1.30
N SER B 75 -4.97 -25.66 0.56
CA SER B 75 -5.67 -26.67 -0.21
C SER B 75 -5.88 -26.13 -1.61
N ILE B 76 -5.98 -27.03 -2.58
CA ILE B 76 -6.35 -26.68 -3.94
C ILE B 76 -7.47 -27.61 -4.37
N SER B 77 -8.47 -27.06 -5.05
CA SER B 77 -9.65 -27.82 -5.47
C SER B 77 -9.61 -28.00 -6.99
N SER B 78 -9.78 -29.25 -7.46
CA SER B 78 -9.59 -29.57 -8.86
C SER B 78 -10.79 -29.17 -9.73
N HIS B 79 -11.98 -29.00 -9.16
CA HIS B 79 -13.13 -28.53 -9.92
C HIS B 79 -14.18 -28.07 -8.92
N PHE B 80 -15.28 -27.51 -9.43
CA PHE B 80 -16.19 -26.78 -8.54
C PHE B 80 -17.17 -27.68 -7.80
N HIS B 81 -17.37 -28.92 -8.22
CA HIS B 81 -18.35 -29.76 -7.52
C HIS B 81 -17.98 -29.93 -6.04
N SER B 82 -18.98 -30.21 -5.20
CA SER B 82 -18.68 -30.19 -3.76
C SER B 82 -17.76 -31.34 -3.31
N ASP B 83 -17.55 -32.38 -4.12
CA ASP B 83 -16.63 -33.41 -3.64
C ASP B 83 -15.16 -33.00 -3.77
N SER B 84 -14.88 -31.85 -4.39
CA SER B 84 -13.55 -31.24 -4.37
C SER B 84 -13.48 -29.98 -3.53
N THR B 85 -14.63 -29.35 -3.21
CA THR B 85 -14.68 -28.02 -2.59
C THR B 85 -15.45 -27.96 -1.28
N GLY B 86 -16.01 -29.06 -0.80
CA GLY B 86 -16.94 -29.00 0.31
C GLY B 86 -16.31 -28.41 1.56
N GLY B 87 -15.00 -28.57 1.74
CA GLY B 87 -14.33 -28.10 2.92
C GLY B 87 -13.76 -26.70 2.82
N ILE B 88 -13.96 -25.99 1.71
CA ILE B 88 -13.32 -24.68 1.55
C ILE B 88 -13.76 -23.71 2.65
N GLU B 89 -15.07 -23.62 2.92
CA GLU B 89 -15.52 -22.69 3.97
C GLU B 89 -14.87 -23.02 5.30
N TRP B 90 -14.80 -24.30 5.68
CA TRP B 90 -14.19 -24.62 6.98
C TRP B 90 -12.72 -24.22 7.00
N LEU B 91 -12.00 -24.52 5.91
CA LEU B 91 -10.60 -24.09 5.83
C LEU B 91 -10.49 -22.56 5.90
N ASN B 92 -11.31 -21.85 5.12
CA ASN B 92 -11.29 -20.39 5.22
C ASN B 92 -11.47 -19.92 6.66
N SER B 93 -12.40 -20.54 7.38
CA SER B 93 -12.70 -20.09 8.74
C SER B 93 -11.54 -20.35 9.69
N ARG B 94 -10.62 -21.24 9.32
CA ARG B 94 -9.40 -21.50 10.07
C ARG B 94 -8.22 -20.73 9.51
N SER B 95 -8.45 -19.81 8.57
CA SER B 95 -7.37 -19.03 7.94
C SER B 95 -6.37 -19.93 7.23
N ILE B 96 -6.81 -21.05 6.67
CA ILE B 96 -5.93 -21.87 5.84
C ILE B 96 -6.14 -21.44 4.39
N PRO B 97 -5.10 -21.08 3.67
CA PRO B 97 -5.27 -20.64 2.27
C PRO B 97 -5.93 -21.72 1.42
N THR B 98 -6.93 -21.32 0.64
CA THR B 98 -7.63 -22.22 -0.28
C THR B 98 -7.43 -21.72 -1.70
N TYR B 99 -7.22 -22.64 -2.64
CA TYR B 99 -6.89 -22.31 -4.03
C TYR B 99 -7.88 -22.96 -4.97
N ALA B 100 -8.20 -22.24 -6.05
CA ALA B 100 -9.06 -22.78 -7.10
C ALA B 100 -8.82 -21.91 -8.32
N SER B 101 -9.01 -22.48 -9.51
CA SER B 101 -8.89 -21.68 -10.71
C SER B 101 -9.91 -20.54 -10.67
N GLU B 102 -9.64 -19.48 -11.45
CA GLU B 102 -10.63 -18.40 -11.57
C GLU B 102 -11.99 -18.94 -12.02
N LEU B 103 -12.01 -19.82 -13.01
CA LEU B 103 -13.27 -20.36 -13.48
C LEU B 103 -13.94 -21.21 -12.40
N THR B 104 -13.17 -22.00 -11.65
CA THR B 104 -13.78 -22.76 -10.57
C THR B 104 -14.43 -21.83 -9.55
N ASN B 105 -13.75 -20.72 -9.19
CA ASN B 105 -14.36 -19.77 -8.26
C ASN B 105 -15.61 -19.13 -8.83
N GLU B 106 -15.57 -18.81 -10.13
CA GLU B 106 -16.74 -18.25 -10.78
C GLU B 106 -17.90 -19.25 -10.78
N LEU B 107 -17.60 -20.53 -10.98
CA LEU B 107 -18.68 -21.52 -10.99
C LEU B 107 -19.21 -21.75 -9.59
N LEU B 108 -18.32 -21.73 -8.59
CA LEU B 108 -18.75 -21.79 -7.19
C LEU B 108 -19.68 -20.63 -6.86
N LYS B 109 -19.28 -19.42 -7.25
CA LYS B 109 -20.10 -18.25 -6.97
C LYS B 109 -21.45 -18.35 -7.65
N LYS B 110 -21.46 -18.86 -8.88
CA LYS B 110 -22.73 -19.01 -9.60
C LYS B 110 -23.66 -19.99 -8.88
N ASP B 111 -23.11 -21.00 -8.22
CA ASP B 111 -23.92 -21.93 -7.44
C ASP B 111 -24.12 -21.51 -5.99
N GLY B 112 -23.85 -20.25 -5.63
CA GLY B 112 -24.03 -19.82 -4.25
C GLY B 112 -23.09 -20.47 -3.24
N LYS B 113 -21.92 -20.91 -3.66
CA LYS B 113 -20.94 -21.51 -2.76
C LYS B 113 -19.83 -20.52 -2.42
N VAL B 114 -19.17 -20.81 -1.31
CA VAL B 114 -18.03 -20.04 -0.86
C VAL B 114 -16.84 -20.30 -1.77
N GLN B 115 -16.07 -19.26 -2.07
CA GLN B 115 -14.98 -19.34 -3.03
C GLN B 115 -13.66 -19.58 -2.31
N ALA B 116 -12.71 -20.16 -3.03
CA ALA B 116 -11.33 -20.18 -2.53
C ALA B 116 -10.79 -18.76 -2.44
N THR B 117 -9.86 -18.55 -1.50
CA THR B 117 -9.30 -17.23 -1.28
C THR B 117 -8.16 -16.91 -2.24
N ASN B 118 -7.62 -17.89 -2.96
CA ASN B 118 -6.55 -17.68 -3.93
C ASN B 118 -6.96 -18.32 -5.25
N SER B 119 -6.95 -17.54 -6.32
CA SER B 119 -7.31 -18.06 -7.62
C SER B 119 -6.16 -17.90 -8.60
N PHE B 120 -6.21 -18.70 -9.67
CA PHE B 120 -5.21 -18.63 -10.73
C PHE B 120 -5.94 -18.74 -12.06
N SER B 121 -5.43 -18.02 -13.07
CA SER B 121 -6.11 -17.84 -14.35
C SER B 121 -5.53 -18.67 -15.48
N GLY B 122 -4.34 -19.24 -15.31
CA GLY B 122 -3.59 -19.76 -16.42
C GLY B 122 -3.71 -21.27 -16.60
N VAL B 123 -3.17 -21.73 -17.73
CA VAL B 123 -3.19 -23.16 -18.06
C VAL B 123 -2.22 -23.94 -17.18
N ASN B 124 -1.07 -23.36 -16.87
CA ASN B 124 -0.12 -23.93 -15.93
C ASN B 124 -0.02 -23.03 -14.71
N TYR B 125 0.07 -23.64 -13.54
CA TYR B 125 0.21 -22.88 -12.30
C TYR B 125 1.03 -23.72 -11.34
N TRP B 126 2.04 -23.12 -10.71
CA TRP B 126 2.82 -23.77 -9.66
C TRP B 126 2.16 -23.48 -8.32
N LEU B 127 1.57 -24.50 -7.68
CA LEU B 127 1.16 -24.29 -6.30
C LEU B 127 2.38 -24.28 -5.39
N VAL B 128 3.30 -25.22 -5.60
CA VAL B 128 4.63 -25.18 -4.98
C VAL B 128 5.64 -25.45 -6.07
N LYS B 129 6.53 -24.48 -6.31
CA LYS B 129 7.42 -24.57 -7.45
C LYS B 129 8.21 -25.87 -7.40
N ASN B 130 8.15 -26.61 -8.51
CA ASN B 130 8.87 -27.86 -8.73
C ASN B 130 8.34 -29.01 -7.91
N LYS B 131 7.24 -28.83 -7.20
CA LYS B 131 6.71 -29.88 -6.33
C LYS B 131 5.24 -30.17 -6.57
N ILE B 132 4.42 -29.14 -6.76
CA ILE B 132 2.98 -29.30 -6.94
C ILE B 132 2.58 -28.38 -8.07
N GLU B 133 2.27 -28.95 -9.22
CA GLU B 133 1.93 -28.19 -10.42
C GLU B 133 0.47 -28.48 -10.81
N VAL B 134 -0.20 -27.47 -11.35
CA VAL B 134 -1.60 -27.56 -11.74
C VAL B 134 -1.68 -27.37 -13.25
N PHE B 135 -2.53 -28.16 -13.91
CA PHE B 135 -2.64 -28.11 -15.36
C PHE B 135 -4.10 -28.20 -15.78
N TYR B 136 -4.50 -27.30 -16.68
CA TYR B 136 -5.84 -27.38 -17.25
C TYR B 136 -5.76 -28.11 -18.59
N PRO B 137 -6.34 -29.31 -18.74
CA PRO B 137 -6.30 -29.99 -20.04
C PRO B 137 -7.37 -29.53 -21.02
N GLY B 138 -8.32 -28.72 -20.58
CA GLY B 138 -9.47 -28.42 -21.39
C GLY B 138 -10.72 -29.00 -20.76
N PRO B 139 -11.88 -28.58 -21.23
CA PRO B 139 -13.13 -29.03 -20.61
C PRO B 139 -13.26 -30.55 -20.74
N GLY B 140 -14.03 -31.12 -19.81
CA GLY B 140 -14.36 -32.53 -19.85
C GLY B 140 -15.52 -32.86 -18.93
N HIS B 141 -15.18 -33.46 -17.77
CA HIS B 141 -16.17 -33.70 -16.74
C HIS B 141 -16.94 -32.42 -16.38
N THR B 142 -16.23 -31.31 -16.25
CA THR B 142 -16.79 -29.98 -16.05
C THR B 142 -15.98 -29.02 -16.91
N PRO B 143 -16.44 -27.77 -17.11
CA PRO B 143 -15.62 -26.83 -17.89
C PRO B 143 -14.32 -26.48 -17.21
N ASP B 144 -14.24 -26.59 -15.88
CA ASP B 144 -13.11 -26.03 -15.12
C ASP B 144 -12.11 -27.07 -14.65
N ASN B 145 -12.33 -28.37 -14.91
CA ASN B 145 -11.52 -29.40 -14.24
C ASN B 145 -10.03 -29.22 -14.55
N VAL B 146 -9.22 -29.25 -13.49
CA VAL B 146 -7.76 -29.21 -13.63
C VAL B 146 -7.20 -30.46 -12.99
N VAL B 147 -5.93 -30.74 -13.31
CA VAL B 147 -5.21 -31.87 -12.71
C VAL B 147 -4.02 -31.32 -11.93
N VAL B 148 -3.52 -32.15 -11.01
CA VAL B 148 -2.39 -31.78 -10.17
C VAL B 148 -1.28 -32.79 -10.38
N TRP B 149 -0.11 -32.29 -10.76
CA TRP B 149 1.05 -33.12 -11.11
C TRP B 149 2.12 -32.94 -10.05
N LEU B 150 2.69 -34.05 -9.59
CA LEU B 150 3.73 -34.03 -8.56
C LEU B 150 5.02 -34.47 -9.24
N PRO B 151 5.82 -33.55 -9.75
CA PRO B 151 6.92 -33.97 -10.64
C PRO B 151 7.94 -34.85 -9.94
N GLU B 152 8.18 -34.66 -8.64
CA GLU B 152 9.21 -35.45 -7.96
C GLU B 152 8.80 -36.91 -7.81
N ARG B 153 7.50 -37.18 -7.71
CA ARG B 153 7.02 -38.55 -7.56
C ARG B 153 6.42 -39.11 -8.83
N LYS B 154 6.21 -38.27 -9.84
CA LYS B 154 5.58 -38.68 -11.09
C LYS B 154 4.17 -39.20 -10.83
N ILE B 155 3.44 -38.51 -9.96
CA ILE B 155 2.08 -38.84 -9.58
C ILE B 155 1.16 -37.76 -10.12
N LEU B 156 0.11 -38.17 -10.83
CA LEU B 156 -0.87 -37.25 -11.41
C LEU B 156 -2.18 -37.46 -10.68
N PHE B 157 -2.69 -36.41 -10.03
CA PHE B 157 -4.05 -36.43 -9.51
C PHE B 157 -4.97 -35.96 -10.62
N GLY B 158 -5.74 -36.88 -11.18
CA GLY B 158 -6.63 -36.54 -12.28
C GLY B 158 -8.01 -36.11 -11.87
N GLY B 159 -8.36 -36.27 -10.58
CA GLY B 159 -9.66 -35.87 -10.09
C GLY B 159 -10.79 -36.57 -10.82
N CYS B 160 -11.89 -35.83 -10.99
CA CYS B 160 -13.09 -36.38 -11.62
C CYS B 160 -13.04 -36.35 -13.14
N PHE B 161 -11.89 -35.96 -13.70
CA PHE B 161 -11.68 -36.01 -15.15
C PHE B 161 -11.27 -37.41 -15.59
N ILE B 162 -10.56 -38.15 -14.74
CA ILE B 162 -10.10 -39.49 -15.05
C ILE B 162 -11.23 -40.47 -14.77
N LYS B 163 -11.74 -41.12 -15.82
CA LYS B 163 -12.95 -41.95 -15.73
C LYS B 163 -12.71 -43.22 -16.55
N PRO B 164 -12.08 -44.24 -15.94
CA PRO B 164 -11.66 -45.42 -16.72
C PRO B 164 -12.79 -46.37 -17.10
N TYR B 165 -13.86 -46.43 -16.29
CA TYR B 165 -14.91 -47.42 -16.49
C TYR B 165 -16.24 -46.81 -16.90
N GLY B 166 -16.28 -45.51 -17.12
CA GLY B 166 -17.49 -44.81 -17.51
C GLY B 166 -17.39 -43.38 -17.03
N LEU B 167 -18.09 -42.49 -17.75
CA LEU B 167 -17.95 -41.06 -17.54
C LEU B 167 -18.71 -40.56 -16.32
N GLY B 168 -19.74 -41.28 -15.89
CA GLY B 168 -20.51 -40.85 -14.73
C GLY B 168 -21.56 -39.82 -15.12
N ASN B 169 -21.84 -38.91 -14.19
CA ASN B 169 -22.85 -37.88 -14.39
C ASN B 169 -22.34 -36.82 -15.38
N LEU B 170 -23.11 -36.57 -16.44
CA LEU B 170 -22.73 -35.66 -17.51
C LEU B 170 -23.45 -34.31 -17.46
N GLY B 171 -24.17 -34.01 -16.38
CA GLY B 171 -24.92 -32.77 -16.33
C GLY B 171 -24.10 -31.52 -16.58
N ASP B 172 -22.86 -31.49 -16.11
CA ASP B 172 -22.01 -30.31 -16.26
C ASP B 172 -20.88 -30.53 -17.24
N ALA B 173 -20.87 -31.66 -17.93
CA ALA B 173 -19.74 -32.09 -18.75
C ALA B 173 -19.79 -31.44 -20.12
N ASN B 174 -18.64 -31.40 -20.78
CA ASN B 174 -18.52 -30.97 -22.17
C ASN B 174 -18.08 -32.18 -22.97
N ILE B 175 -19.06 -32.99 -23.40
CA ILE B 175 -18.75 -34.27 -24.00
C ILE B 175 -18.01 -34.09 -25.32
N GLU B 176 -18.28 -33.00 -26.03
CA GLU B 176 -17.64 -32.76 -27.33
C GLU B 176 -16.14 -32.49 -27.19
N ALA B 177 -15.73 -31.83 -26.09
CA ALA B 177 -14.33 -31.48 -25.87
C ALA B 177 -13.56 -32.52 -25.07
N TRP B 178 -14.25 -33.36 -24.30
CA TRP B 178 -13.58 -34.30 -23.42
C TRP B 178 -12.59 -35.21 -24.14
N PRO B 179 -12.89 -35.75 -25.33
CA PRO B 179 -11.86 -36.55 -26.04
C PRO B 179 -10.59 -35.76 -26.30
N LYS B 180 -10.73 -34.53 -26.80
CA LYS B 180 -9.55 -33.72 -27.07
C LYS B 180 -8.81 -33.41 -25.78
N SER B 181 -9.54 -33.03 -24.73
CA SER B 181 -8.87 -32.78 -23.46
C SER B 181 -8.15 -34.03 -22.98
N ALA B 182 -8.77 -35.20 -23.15
CA ALA B 182 -8.14 -36.43 -22.67
C ALA B 182 -6.91 -36.78 -23.50
N LYS B 183 -6.97 -36.55 -24.81
CA LYS B 183 -5.80 -36.80 -25.65
C LYS B 183 -4.62 -35.91 -25.23
N LEU B 184 -4.89 -34.64 -24.97
CA LEU B 184 -3.83 -33.74 -24.53
C LEU B 184 -3.25 -34.18 -23.20
N LEU B 185 -4.11 -34.52 -22.25
CA LEU B 185 -3.62 -34.99 -20.95
C LEU B 185 -2.78 -36.24 -21.11
N LYS B 186 -3.23 -37.17 -21.96
CA LYS B 186 -2.49 -38.41 -22.16
C LYS B 186 -1.11 -38.15 -22.74
N SER B 187 -1.00 -37.18 -23.65
CA SER B 187 0.30 -36.93 -24.25
C SER B 187 1.22 -36.16 -23.30
N LYS B 188 0.64 -35.40 -22.37
CA LYS B 188 1.46 -34.65 -21.44
C LYS B 188 1.97 -35.52 -20.29
N TYR B 189 1.17 -36.48 -19.84
CA TYR B 189 1.49 -37.22 -18.62
C TYR B 189 1.64 -38.72 -18.87
N GLY B 190 1.84 -39.13 -20.12
CA GLY B 190 2.09 -40.53 -20.42
C GLY B 190 3.20 -41.16 -19.60
N LYS B 191 4.10 -40.37 -19.05
CA LYS B 191 5.19 -40.87 -18.22
C LYS B 191 4.83 -40.97 -16.74
N ALA B 192 3.58 -40.66 -16.37
CA ALA B 192 3.19 -40.74 -14.98
C ALA B 192 3.32 -42.16 -14.46
N LYS B 193 3.88 -42.28 -13.24
CA LYS B 193 4.01 -43.56 -12.54
C LYS B 193 2.68 -44.00 -11.95
N LEU B 194 1.92 -43.05 -11.40
CA LEU B 194 0.61 -43.28 -10.80
C LEU B 194 -0.37 -42.23 -11.30
N VAL B 195 -1.59 -42.66 -11.58
CA VAL B 195 -2.70 -41.75 -11.85
C VAL B 195 -3.76 -41.99 -10.79
N VAL B 196 -4.17 -40.94 -10.10
CA VAL B 196 -5.12 -41.01 -9.00
C VAL B 196 -6.44 -40.41 -9.47
N PRO B 197 -7.48 -41.21 -9.70
CA PRO B 197 -8.80 -40.66 -10.03
C PRO B 197 -9.60 -40.36 -8.79
N SER B 198 -10.60 -39.49 -8.95
CA SER B 198 -11.47 -39.16 -7.81
C SER B 198 -12.31 -40.34 -7.34
N HIS B 199 -12.79 -41.19 -8.25
CA HIS B 199 -13.87 -42.10 -7.89
C HIS B 199 -13.60 -43.58 -8.17
N SER B 200 -12.38 -43.94 -8.59
CA SER B 200 -11.99 -45.33 -8.69
C SER B 200 -10.56 -45.45 -8.17
N GLU B 201 -10.03 -46.68 -8.19
CA GLU B 201 -8.74 -46.98 -7.59
C GLU B 201 -7.58 -46.30 -8.32
N VAL B 202 -6.50 -46.05 -7.57
CA VAL B 202 -5.26 -45.58 -8.16
C VAL B 202 -4.78 -46.58 -9.20
N GLY B 203 -4.22 -46.07 -10.30
CA GLY B 203 -3.72 -46.93 -11.38
C GLY B 203 -2.39 -46.43 -11.92
N ASP B 204 -1.95 -46.95 -13.05
CA ASP B 204 -0.78 -46.38 -13.70
C ASP B 204 -1.24 -45.50 -14.85
N ALA B 205 -0.30 -45.15 -15.74
CA ALA B 205 -0.60 -44.26 -16.85
C ALA B 205 -1.65 -44.82 -17.81
N SER B 206 -2.00 -46.11 -17.69
CA SER B 206 -3.03 -46.65 -18.57
C SER B 206 -4.40 -46.03 -18.29
N LEU B 207 -4.64 -45.51 -17.09
CA LEU B 207 -5.89 -44.81 -16.85
C LEU B 207 -6.06 -43.61 -17.77
N LEU B 208 -4.96 -43.06 -18.30
CA LEU B 208 -5.08 -41.98 -19.27
C LEU B 208 -5.63 -42.49 -20.60
N LYS B 209 -5.19 -43.68 -21.02
CA LYS B 209 -5.72 -44.27 -22.25
C LYS B 209 -7.17 -44.69 -22.07
N LEU B 210 -7.48 -45.36 -20.96
CA LEU B 210 -8.87 -45.74 -20.66
C LEU B 210 -9.79 -44.53 -20.68
N THR B 211 -9.39 -43.44 -20.00
CA THR B 211 -10.22 -42.23 -20.00
C THR B 211 -10.48 -41.72 -21.41
N LEU B 212 -9.42 -41.55 -22.20
CA LEU B 212 -9.57 -41.15 -23.59
C LEU B 212 -10.57 -42.06 -24.32
N GLU B 213 -10.42 -43.37 -24.15
CA GLU B 213 -11.33 -44.31 -24.79
C GLU B 213 -12.76 -44.14 -24.28
N GLN B 214 -12.92 -43.85 -22.99
CA GLN B 214 -14.27 -43.63 -22.46
C GLN B 214 -14.85 -42.30 -22.96
N ALA B 215 -14.00 -41.27 -23.10
CA ALA B 215 -14.50 -40.01 -23.62
C ALA B 215 -14.99 -40.18 -25.05
N VAL B 216 -14.22 -40.89 -25.88
CA VAL B 216 -14.62 -41.13 -27.25
C VAL B 216 -15.95 -41.87 -27.30
N LYS B 217 -16.07 -42.94 -26.52
CA LYS B 217 -17.31 -43.71 -26.50
C LYS B 217 -18.50 -42.85 -26.11
N GLY B 218 -18.34 -42.01 -25.08
CA GLY B 218 -19.44 -41.16 -24.66
C GLY B 218 -19.86 -40.17 -25.73
N LEU B 219 -18.89 -39.56 -26.41
CA LEU B 219 -19.23 -38.67 -27.52
C LEU B 219 -19.95 -39.43 -28.61
N ASN B 220 -19.43 -40.60 -29.00
CA ASN B 220 -20.11 -41.41 -30.01
C ASN B 220 -21.50 -41.79 -29.54
N GLU B 221 -21.61 -42.32 -28.32
CA GLU B 221 -22.93 -42.64 -27.76
C GLU B 221 -23.90 -41.48 -27.93
N SER B 222 -23.48 -40.27 -27.52
CA SER B 222 -24.32 -39.10 -27.69
C SER B 222 -24.70 -38.88 -29.15
N LYS B 223 -24.04 -39.57 -30.08
CA LYS B 223 -24.29 -39.42 -31.51
C LYS B 223 -23.80 -38.06 -32.01
N SER C 5 -14.01 -15.28 21.57
CA SER C 5 -14.06 -14.58 22.84
C SER C 5 -12.71 -13.99 23.25
N LEU C 6 -12.75 -12.77 23.78
CA LEU C 6 -11.57 -12.07 24.27
C LEU C 6 -11.42 -12.27 25.77
N PRO C 7 -10.26 -12.72 26.24
CA PRO C 7 -10.04 -12.79 27.69
C PRO C 7 -10.27 -11.44 28.36
N ASP C 8 -10.53 -11.48 29.66
CA ASP C 8 -10.72 -10.26 30.43
C ASP C 8 -9.40 -9.56 30.69
N LEU C 9 -9.46 -8.26 30.90
CA LEU C 9 -8.31 -7.51 31.40
C LEU C 9 -7.65 -8.23 32.57
N LYS C 10 -6.33 -8.40 32.51
CA LYS C 10 -5.57 -8.96 33.62
C LYS C 10 -4.76 -7.86 34.33
N ILE C 11 -4.65 -7.95 35.64
CA ILE C 11 -3.80 -7.05 36.42
C ILE C 11 -2.97 -7.92 37.36
N GLU C 12 -1.65 -7.96 37.15
CA GLU C 12 -0.76 -8.80 37.94
C GLU C 12 0.38 -7.96 38.48
N LYS C 13 0.74 -8.20 39.73
CA LYS C 13 1.86 -7.50 40.32
C LYS C 13 3.17 -8.02 39.74
N LEU C 14 4.03 -7.11 39.31
CA LEU C 14 5.34 -7.45 38.77
C LEU C 14 6.48 -7.22 39.75
N ASP C 15 6.36 -6.22 40.61
CA ASP C 15 7.41 -5.86 41.55
C ASP C 15 6.74 -4.91 42.53
N GLU C 16 7.48 -4.52 43.57
CA GLU C 16 6.95 -3.53 44.50
C GLU C 16 6.60 -2.26 43.73
N GLY C 17 5.35 -1.83 43.85
CA GLY C 17 4.88 -0.62 43.22
C GLY C 17 4.73 -0.69 41.71
N VAL C 18 4.68 -1.88 41.11
CA VAL C 18 4.62 -2.02 39.66
C VAL C 18 3.71 -3.18 39.27
N TYR C 19 2.65 -2.90 38.53
CA TYR C 19 1.73 -3.91 38.02
C TYR C 19 1.78 -3.93 36.49
N VAL C 20 1.56 -5.11 35.91
CA VAL C 20 1.38 -5.27 34.47
C VAL C 20 -0.12 -5.40 34.21
N HIS C 21 -0.63 -4.60 33.29
CA HIS C 21 -2.02 -4.78 32.86
C HIS C 21 -1.98 -5.34 31.44
N THR C 22 -2.83 -6.34 31.19
CA THR C 22 -2.85 -7.01 29.90
C THR C 22 -4.26 -6.97 29.33
N SER C 23 -4.42 -6.32 28.18
CA SER C 23 -5.66 -6.35 27.43
C SER C 23 -5.45 -7.15 26.15
N PHE C 24 -6.55 -7.49 25.51
CA PHE C 24 -6.54 -8.48 24.44
C PHE C 24 -7.34 -7.97 23.26
N GLU C 25 -6.86 -8.26 22.04
CA GLU C 25 -7.64 -7.93 20.86
C GLU C 25 -7.53 -9.06 19.85
N GLU C 26 -8.60 -9.24 19.08
CA GLU C 26 -8.62 -10.23 18.01
C GLU C 26 -8.06 -9.60 16.73
N VAL C 27 -7.17 -10.32 16.06
CA VAL C 27 -6.46 -9.81 14.88
C VAL C 27 -6.72 -10.76 13.72
N ASN C 28 -7.08 -10.19 12.59
CA ASN C 28 -7.37 -10.99 11.43
C ASN C 28 -6.20 -11.92 11.21
N GLY C 29 -6.49 -13.20 11.23
CA GLY C 29 -5.49 -14.18 10.94
C GLY C 29 -4.47 -14.52 11.99
N TRP C 30 -4.48 -13.82 13.14
CA TRP C 30 -3.53 -14.11 14.20
C TRP C 30 -4.19 -14.57 15.48
N GLY C 31 -5.48 -14.32 15.56
CA GLY C 31 -6.26 -14.66 16.73
C GLY C 31 -6.17 -13.59 17.81
N VAL C 32 -6.17 -14.03 19.06
CA VAL C 32 -6.18 -13.14 20.21
C VAL C 32 -4.75 -12.77 20.56
N VAL C 33 -4.48 -11.46 20.62
CA VAL C 33 -3.14 -10.95 20.85
C VAL C 33 -3.16 -10.15 22.14
N PRO C 34 -2.18 -10.34 23.03
CA PRO C 34 -2.09 -9.56 24.27
C PRO C 34 -1.36 -8.26 24.06
N LYS C 35 -1.73 -7.27 24.87
CA LYS C 35 -1.04 -6.00 24.98
C LYS C 35 -0.75 -5.74 26.47
N HIS C 36 0.53 -5.66 26.83
CA HIS C 36 0.96 -5.35 28.19
C HIS C 36 1.27 -3.87 28.31
N GLY C 37 0.73 -3.24 29.36
CA GLY C 37 1.23 -1.98 29.88
C GLY C 37 1.46 -2.11 31.37
N LEU C 38 1.89 -1.00 31.98
CA LEU C 38 2.13 -1.00 33.43
C LEU C 38 1.21 -0.02 34.15
N VAL C 39 1.06 -0.25 35.46
CA VAL C 39 0.62 0.76 36.41
C VAL C 39 1.74 0.91 37.44
N VAL C 40 2.21 2.13 37.64
CA VAL C 40 3.30 2.38 38.58
C VAL C 40 2.74 3.18 39.75
N LEU C 41 3.09 2.75 40.96
CA LEU C 41 2.55 3.35 42.18
C LEU C 41 3.62 4.17 42.87
N VAL C 42 3.26 5.40 43.22
CA VAL C 42 4.11 6.30 43.98
C VAL C 42 3.24 6.90 45.09
N ASN C 43 3.36 6.34 46.31
CA ASN C 43 2.66 6.84 47.50
C ASN C 43 1.17 7.02 47.29
N ALA C 44 0.48 5.94 46.93
CA ALA C 44 -0.98 5.97 46.77
C ALA C 44 -1.41 6.77 45.55
N GLU C 45 -0.48 7.15 44.70
CA GLU C 45 -0.82 7.69 43.39
C GLU C 45 -0.41 6.68 42.33
N ALA C 46 -1.25 6.48 41.34
CA ALA C 46 -1.00 5.51 40.29
C ALA C 46 -0.82 6.22 38.94
N TYR C 47 0.12 5.72 38.14
CA TYR C 47 0.41 6.25 36.82
C TYR C 47 0.22 5.13 35.81
N LEU C 48 -0.58 5.37 34.77
CA LEU C 48 -0.79 4.35 33.75
C LEU C 48 0.31 4.47 32.70
N ILE C 49 1.03 3.37 32.46
CA ILE C 49 2.02 3.32 31.38
C ILE C 49 1.33 2.57 30.25
N ASP C 50 0.84 3.34 29.27
CA ASP C 50 -0.03 2.93 28.16
C ASP C 50 -1.45 2.65 28.65
N THR C 51 -2.44 2.98 27.81
CA THR C 51 -3.80 2.55 28.10
C THR C 51 -4.05 1.20 27.43
N PRO C 52 -5.01 0.44 27.92
CA PRO C 52 -5.49 -0.73 27.17
C PRO C 52 -6.02 -0.30 25.80
N PHE C 53 -6.43 -1.28 24.98
CA PHE C 53 -6.91 -0.97 23.64
C PHE C 53 -8.13 -0.06 23.67
N THR C 54 -8.98 -0.22 24.68
CA THR C 54 -10.33 0.31 24.61
C THR C 54 -10.61 1.18 25.83
N ALA C 55 -11.61 2.06 25.66
CA ALA C 55 -12.11 2.83 26.79
C ALA C 55 -12.67 1.93 27.88
N LYS C 56 -13.43 0.90 27.47
CA LYS C 56 -14.01 -0.02 28.44
C LYS C 56 -12.96 -0.62 29.37
N ASP C 57 -11.86 -1.12 28.80
CA ASP C 57 -10.81 -1.70 29.64
C ASP C 57 -10.02 -0.63 30.37
N THR C 58 -9.87 0.56 29.77
CA THR C 58 -9.21 1.63 30.50
C THR C 58 -9.99 1.97 31.77
N GLU C 59 -11.32 2.01 31.66
CA GLU C 59 -12.13 2.27 32.85
C GLU C 59 -12.03 1.12 33.86
N LYS C 60 -12.02 -0.14 33.39
CA LYS C 60 -11.85 -1.26 34.31
C LYS C 60 -10.52 -1.14 35.05
N LEU C 61 -9.46 -0.81 34.32
CA LEU C 61 -8.14 -0.68 34.92
C LEU C 61 -8.12 0.44 35.95
N VAL C 62 -8.65 1.61 35.59
CA VAL C 62 -8.70 2.73 36.53
C VAL C 62 -9.53 2.37 37.76
N THR C 63 -10.72 1.79 37.54
N THR C 63 -10.74 1.82 37.53
CA THR C 63 -11.60 1.51 38.68
CA THR C 63 -11.62 1.47 38.65
C THR C 63 -11.06 0.40 39.58
C THR C 63 -10.93 0.52 39.62
N TRP C 64 -10.12 -0.40 39.09
CA TRP C 64 -9.45 -1.38 39.96
C TRP C 64 -8.52 -0.69 40.94
N PHE C 65 -7.79 0.32 40.48
CA PHE C 65 -6.89 1.01 41.38
C PHE C 65 -7.60 2.04 42.25
N VAL C 66 -8.60 2.73 41.72
CA VAL C 66 -9.36 3.67 42.53
C VAL C 66 -10.03 2.96 43.70
N GLU C 67 -10.61 1.79 43.44
CA GLU C 67 -11.27 1.06 44.51
C GLU C 67 -10.27 0.51 45.53
N ARG C 68 -8.98 0.58 45.26
CA ARG C 68 -7.97 0.20 46.24
C ARG C 68 -7.29 1.42 46.86
N GLY C 69 -7.88 2.61 46.72
CA GLY C 69 -7.42 3.79 47.41
C GLY C 69 -6.44 4.67 46.66
N TYR C 70 -6.10 4.33 45.41
CA TYR C 70 -5.16 5.11 44.62
C TYR C 70 -5.86 6.23 43.86
N LYS C 71 -5.19 7.38 43.77
CA LYS C 71 -5.55 8.42 42.82
C LYS C 71 -4.76 8.21 41.52
N ILE C 72 -5.46 8.15 40.39
CA ILE C 72 -4.78 8.07 39.09
C ILE C 72 -4.26 9.47 38.76
N LYS C 73 -2.94 9.66 38.89
CA LYS C 73 -2.36 10.98 38.66
C LYS C 73 -2.09 11.25 37.18
N GLY C 74 -2.06 10.23 36.34
CA GLY C 74 -1.91 10.47 34.91
C GLY C 74 -1.61 9.19 34.15
N SER C 75 -1.62 9.33 32.83
CA SER C 75 -1.19 8.26 31.93
C SER C 75 -0.14 8.81 30.97
N ILE C 76 0.71 7.93 30.48
CA ILE C 76 1.63 8.25 29.39
C ILE C 76 1.49 7.15 28.34
N SER C 77 1.49 7.54 27.08
CA SER C 77 1.33 6.59 25.97
C SER C 77 2.65 6.49 25.23
N SER C 78 3.11 5.26 25.04
CA SER C 78 4.46 5.02 24.52
C SER C 78 4.56 5.23 23.02
N HIS C 79 3.44 5.19 22.28
CA HIS C 79 3.43 5.49 20.85
C HIS C 79 1.97 5.70 20.44
N PHE C 80 1.76 6.03 19.17
CA PHE C 80 0.46 6.57 18.84
C PHE C 80 -0.58 5.51 18.52
N HIS C 81 -0.17 4.26 18.25
CA HIS C 81 -1.17 3.24 17.91
C HIS C 81 -2.18 3.05 19.04
N SER C 82 -3.36 2.55 18.69
CA SER C 82 -4.41 2.55 19.70
C SER C 82 -4.20 1.52 20.80
N ASP C 83 -3.26 0.57 20.68
CA ASP C 83 -3.03 -0.28 21.84
C ASP C 83 -2.25 0.44 22.95
N SER C 84 -1.78 1.67 22.70
CA SER C 84 -1.21 2.52 23.74
C SER C 84 -2.06 3.75 24.07
N THR C 85 -2.94 4.17 23.16
CA THR C 85 -3.66 5.43 23.27
C THR C 85 -5.16 5.24 23.28
N GLY C 86 -5.65 4.00 23.14
CA GLY C 86 -7.09 3.80 22.98
C GLY C 86 -7.92 4.43 24.08
N GLY C 87 -7.39 4.48 25.30
CA GLY C 87 -8.15 5.02 26.40
C GLY C 87 -7.95 6.49 26.70
N ILE C 88 -7.22 7.24 25.85
CA ILE C 88 -6.94 8.66 26.16
C ILE C 88 -8.23 9.47 26.17
N GLU C 89 -9.12 9.26 25.20
CA GLU C 89 -10.35 10.06 25.18
C GLU C 89 -11.11 9.89 26.49
N TRP C 90 -11.20 8.66 27.00
CA TRP C 90 -11.93 8.42 28.25
C TRP C 90 -11.22 9.06 29.44
N LEU C 91 -9.91 8.86 29.57
CA LEU C 91 -9.15 9.52 30.63
C LEU C 91 -9.36 11.03 30.59
N ASN C 92 -9.27 11.64 29.41
CA ASN C 92 -9.51 13.08 29.29
C ASN C 92 -10.87 13.45 29.84
N SER C 93 -11.91 12.67 29.51
CA SER C 93 -13.26 13.01 29.94
C SER C 93 -13.43 12.87 31.44
N ARG C 94 -12.51 12.19 32.12
CA ARG C 94 -12.53 12.11 33.57
C ARG C 94 -11.53 13.06 34.21
N SER C 95 -10.96 13.99 33.41
CA SER C 95 -10.03 14.99 33.93
C SER C 95 -8.77 14.36 34.51
N ILE C 96 -8.38 13.20 33.99
CA ILE C 96 -7.13 12.55 34.38
C ILE C 96 -6.05 13.00 33.39
N PRO C 97 -4.98 13.64 33.85
CA PRO C 97 -3.97 14.15 32.90
C PRO C 97 -3.41 13.02 32.04
N THR C 98 -3.33 13.28 30.73
CA THR C 98 -2.73 12.34 29.79
C THR C 98 -1.50 12.97 29.16
N TYR C 99 -0.47 12.16 28.98
CA TYR C 99 0.80 12.60 28.43
C TYR C 99 1.16 11.79 27.20
N ALA C 100 1.84 12.44 26.28
CA ALA C 100 2.40 11.77 25.13
C ALA C 100 3.47 12.69 24.56
N SER C 101 4.41 12.10 23.81
CA SER C 101 5.39 12.96 23.16
C SER C 101 4.69 13.88 22.18
N GLU C 102 5.37 14.99 21.89
CA GLU C 102 4.87 15.92 20.90
C GLU C 102 4.62 15.22 19.56
N LEU C 103 5.54 14.36 19.15
CA LEU C 103 5.35 13.66 17.87
C LEU C 103 4.20 12.67 17.95
N THR C 104 4.03 11.99 19.08
CA THR C 104 2.88 11.10 19.24
C THR C 104 1.57 11.87 19.09
N ASN C 105 1.45 13.03 19.75
CA ASN C 105 0.25 13.83 19.61
C ASN C 105 0.05 14.31 18.17
N GLU C 106 1.14 14.66 17.48
CA GLU C 106 1.00 15.01 16.07
C GLU C 106 0.45 13.83 15.26
N LEU C 107 0.96 12.63 15.50
CA LEU C 107 0.48 11.47 14.77
C LEU C 107 -0.96 11.15 15.13
N LEU C 108 -1.32 11.25 16.43
CA LEU C 108 -2.73 11.11 16.80
C LEU C 108 -3.58 12.11 16.02
N LYS C 109 -3.13 13.37 16.00
CA LYS C 109 -3.90 14.41 15.33
C LYS C 109 -3.99 14.15 13.83
N LYS C 110 -2.90 13.70 13.22
CA LYS C 110 -2.95 13.39 11.79
C LYS C 110 -3.94 12.28 11.49
N ASP C 111 -4.10 11.32 12.40
CA ASP C 111 -5.05 10.23 12.18
C ASP C 111 -6.47 10.56 12.64
N GLY C 112 -6.75 11.81 13.01
CA GLY C 112 -8.06 12.19 13.50
C GLY C 112 -8.43 11.60 14.85
N LYS C 113 -7.45 11.29 15.70
CA LYS C 113 -7.68 10.72 17.02
C LYS C 113 -7.54 11.78 18.11
N VAL C 114 -8.10 11.49 19.27
CA VAL C 114 -7.97 12.40 20.40
C VAL C 114 -6.53 12.39 20.88
N GLN C 115 -5.96 13.57 21.13
CA GLN C 115 -4.59 13.69 21.60
C GLN C 115 -4.54 13.70 23.13
N ALA C 116 -3.37 13.36 23.66
CA ALA C 116 -3.10 13.57 25.08
C ALA C 116 -3.19 15.05 25.42
N THR C 117 -3.58 15.37 26.67
CA THR C 117 -3.71 16.77 27.03
C THR C 117 -2.37 17.45 27.32
N ASN C 118 -1.32 16.68 27.57
CA ASN C 118 0.00 17.22 27.84
C ASN C 118 0.99 16.57 26.89
N SER C 119 1.95 17.34 26.42
CA SER C 119 2.98 16.82 25.53
C SER C 119 4.36 17.15 26.07
N PHE C 120 5.31 16.29 25.74
CA PHE C 120 6.70 16.52 26.07
C PHE C 120 7.53 16.30 24.82
N SER C 121 8.66 16.99 24.77
CA SER C 121 9.62 16.85 23.70
C SER C 121 11.00 16.65 24.33
N GLY C 122 11.90 16.04 23.59
CA GLY C 122 13.21 15.79 24.12
C GLY C 122 13.49 14.31 24.28
N VAL C 123 14.78 13.99 24.38
CA VAL C 123 15.17 12.59 24.39
C VAL C 123 14.84 11.95 25.73
N ASN C 124 15.03 12.70 26.82
CA ASN C 124 14.78 12.24 28.18
C ASN C 124 13.75 13.15 28.82
N TYR C 125 12.80 12.55 29.54
CA TYR C 125 11.75 13.31 30.21
C TYR C 125 11.35 12.56 31.47
N TRP C 126 11.28 13.26 32.60
CA TRP C 126 10.76 12.68 33.83
C TRP C 126 9.24 12.84 33.84
N LEU C 127 8.51 11.75 33.74
CA LEU C 127 7.10 11.83 34.08
C LEU C 127 6.94 12.09 35.58
N VAL C 128 7.73 11.40 36.39
CA VAL C 128 7.81 11.61 37.84
C VAL C 128 9.29 11.63 38.20
N LYS C 129 9.77 12.75 38.72
CA LYS C 129 11.21 12.88 38.95
C LYS C 129 11.71 11.73 39.81
N ASN C 130 12.77 11.07 39.34
CA ASN C 130 13.44 9.99 40.06
C ASN C 130 12.60 8.72 40.20
N LYS C 131 11.49 8.60 39.47
CA LYS C 131 10.60 7.46 39.62
C LYS C 131 10.20 6.88 38.26
N ILE C 132 9.80 7.73 37.33
CA ILE C 132 9.31 7.29 36.03
C ILE C 132 9.96 8.18 34.96
N GLU C 133 10.92 7.64 34.25
CA GLU C 133 11.64 8.36 33.21
C GLU C 133 11.14 7.88 31.84
N VAL C 134 11.17 8.77 30.86
CA VAL C 134 10.81 8.44 29.48
C VAL C 134 12.03 8.68 28.60
N PHE C 135 12.28 7.78 27.65
CA PHE C 135 13.45 7.89 26.78
C PHE C 135 13.05 7.58 25.35
N TYR C 136 13.56 8.40 24.41
CA TYR C 136 13.29 8.22 22.99
C TYR C 136 14.52 7.63 22.36
N PRO C 137 14.51 6.35 21.97
CA PRO C 137 15.71 5.75 21.38
C PRO C 137 15.88 6.08 19.92
N GLY C 138 14.88 6.67 19.27
CA GLY C 138 14.91 6.86 17.84
C GLY C 138 13.81 6.04 17.20
N PRO C 139 13.56 6.25 15.94
CA PRO C 139 12.52 5.49 15.26
C PRO C 139 12.79 4.00 15.22
N GLY C 140 11.73 3.23 15.23
CA GLY C 140 11.82 1.80 15.14
C GLY C 140 10.48 1.28 14.69
N HIS C 141 9.72 0.83 15.67
CA HIS C 141 8.38 0.30 15.47
C HIS C 141 7.48 1.38 14.86
N THR C 142 7.61 2.60 15.34
CA THR C 142 6.98 3.77 14.77
C THR C 142 7.96 4.94 14.88
N PRO C 143 7.74 6.06 14.19
CA PRO C 143 8.67 7.19 14.34
C PRO C 143 8.74 7.72 15.76
N ASP C 144 7.70 7.51 16.56
CA ASP C 144 7.55 8.20 17.84
C ASP C 144 7.77 7.31 19.06
N ASN C 145 8.11 6.03 18.89
CA ASN C 145 8.04 5.13 20.03
C ASN C 145 9.03 5.56 21.11
N VAL C 146 8.58 5.51 22.36
CA VAL C 146 9.45 5.79 23.51
C VAL C 146 9.34 4.64 24.50
N VAL C 147 10.34 4.56 25.39
CA VAL C 147 10.34 3.56 26.46
C VAL C 147 10.24 4.30 27.79
N VAL C 148 9.87 3.55 28.83
CA VAL C 148 9.67 4.08 30.17
C VAL C 148 10.55 3.27 31.12
N TRP C 149 11.38 3.96 31.87
CA TRP C 149 12.39 3.38 32.74
C TRP C 149 12.02 3.68 34.20
N LEU C 150 12.01 2.65 35.04
CA LEU C 150 11.77 2.83 36.48
C LEU C 150 13.08 2.66 37.23
N PRO C 151 13.81 3.75 37.53
CA PRO C 151 15.16 3.57 38.11
C PRO C 151 15.18 2.84 39.43
N GLU C 152 14.12 2.91 40.24
CA GLU C 152 14.22 2.32 41.58
C GLU C 152 14.12 0.80 41.53
N ARG C 153 13.48 0.25 40.50
CA ARG C 153 13.34 -1.19 40.30
C ARG C 153 14.17 -1.72 39.15
N LYS C 154 14.76 -0.83 38.33
CA LYS C 154 15.51 -1.23 37.16
C LYS C 154 14.63 -2.03 36.20
N ILE C 155 13.40 -1.54 36.03
CA ILE C 155 12.43 -2.11 35.12
C ILE C 155 12.30 -1.20 33.91
N LEU C 156 12.46 -1.77 32.71
CA LEU C 156 12.25 -1.03 31.47
C LEU C 156 10.97 -1.53 30.82
N PHE C 157 10.02 -0.62 30.60
CA PHE C 157 8.87 -0.92 29.75
C PHE C 157 9.26 -0.57 28.33
N GLY C 158 9.52 -1.59 27.50
CA GLY C 158 9.93 -1.35 26.13
C GLY C 158 8.79 -1.11 25.17
N GLY C 159 7.57 -1.40 25.58
CA GLY C 159 6.46 -1.16 24.65
C GLY C 159 6.58 -2.00 23.39
N CYS C 160 6.10 -1.45 22.28
CA CYS C 160 6.10 -2.18 21.00
C CYS C 160 7.41 -2.02 20.24
N PHE C 161 8.36 -1.26 20.79
CA PHE C 161 9.70 -1.21 20.23
C PHE C 161 10.46 -2.48 20.51
N ILE C 162 10.16 -3.15 21.63
CA ILE C 162 10.87 -4.38 22.00
C ILE C 162 10.23 -5.54 21.27
N LYS C 163 11.01 -6.19 20.41
CA LYS C 163 10.51 -7.20 19.47
C LYS C 163 11.55 -8.29 19.43
N PRO C 164 11.60 -9.14 20.46
CA PRO C 164 12.71 -10.12 20.54
C PRO C 164 12.58 -11.28 19.58
N TYR C 165 11.40 -11.54 19.00
CA TYR C 165 11.21 -12.76 18.22
C TYR C 165 10.82 -12.48 16.78
N GLY C 166 10.76 -11.21 16.38
CA GLY C 166 10.18 -10.85 15.11
C GLY C 166 9.65 -9.43 15.23
N LEU C 167 9.90 -8.61 14.21
CA LEU C 167 9.54 -7.19 14.24
C LEU C 167 8.04 -6.95 14.16
N GLY C 168 7.25 -7.90 13.67
CA GLY C 168 5.82 -7.66 13.56
C GLY C 168 5.46 -6.74 12.40
N ASN C 169 4.29 -6.15 12.53
CA ASN C 169 3.72 -5.33 11.46
C ASN C 169 4.59 -4.10 11.20
N LEU C 170 5.14 -3.98 9.99
CA LEU C 170 6.05 -2.87 9.70
C LEU C 170 5.34 -1.70 9.03
N GLY C 171 4.00 -1.66 9.11
CA GLY C 171 3.25 -0.61 8.42
C GLY C 171 3.67 0.81 8.74
N ASP C 172 3.97 1.10 10.01
CA ASP C 172 4.37 2.46 10.38
C ASP C 172 5.84 2.53 10.79
N ALA C 173 6.59 1.48 10.51
CA ALA C 173 7.93 1.31 11.02
C ALA C 173 8.93 2.11 10.19
N ASN C 174 10.09 2.36 10.80
CA ASN C 174 11.25 2.90 10.12
C ASN C 174 12.31 1.81 10.23
N ILE C 175 12.29 0.88 9.26
CA ILE C 175 13.15 -0.29 9.37
C ILE C 175 14.61 0.09 9.19
N GLU C 176 14.88 1.20 8.49
CA GLU C 176 16.27 1.60 8.30
C GLU C 176 16.89 2.16 9.58
N ALA C 177 16.09 2.81 10.43
CA ALA C 177 16.59 3.40 11.66
C ALA C 177 16.54 2.46 12.87
N TRP C 178 15.69 1.45 12.82
CA TRP C 178 15.49 0.61 14.00
C TRP C 178 16.78 -0.04 14.52
N PRO C 179 17.70 -0.54 13.68
CA PRO C 179 18.93 -1.12 14.26
C PRO C 179 19.72 -0.09 15.05
N LYS C 180 19.91 1.12 14.50
CA LYS C 180 20.62 2.15 15.26
C LYS C 180 19.85 2.50 16.54
N SER C 181 18.53 2.66 16.45
CA SER C 181 17.72 2.94 17.64
C SER C 181 17.85 1.82 18.67
N ALA C 182 17.84 0.56 18.21
CA ALA C 182 17.92 -0.55 19.15
C ALA C 182 19.31 -0.66 19.77
N LYS C 183 20.35 -0.32 19.01
CA LYS C 183 21.68 -0.34 19.59
C LYS C 183 21.79 0.68 20.71
N LEU C 184 21.22 1.88 20.50
CA LEU C 184 21.29 2.91 21.53
C LEU C 184 20.51 2.50 22.79
N LEU C 185 19.30 1.96 22.61
CA LEU C 185 18.53 1.45 23.74
C LEU C 185 19.32 0.41 24.53
N LYS C 186 19.94 -0.54 23.83
CA LYS C 186 20.69 -1.59 24.49
C LYS C 186 21.86 -1.03 25.26
N SER C 187 22.57 -0.04 24.69
CA SER C 187 23.71 0.50 25.41
C SER C 187 23.28 1.30 26.63
N LYS C 188 22.06 1.82 26.64
CA LYS C 188 21.61 2.65 27.75
C LYS C 188 21.04 1.84 28.91
N TYR C 189 20.34 0.75 28.61
CA TYR C 189 19.62 -0.03 29.60
C TYR C 189 20.14 -1.44 29.75
N GLY C 190 21.40 -1.68 29.36
CA GLY C 190 21.96 -3.02 29.51
C GLY C 190 21.92 -3.55 30.93
N LYS C 191 21.68 -2.70 31.93
CA LYS C 191 21.64 -3.13 33.31
C LYS C 191 20.23 -3.28 33.86
N ALA C 192 19.21 -3.18 33.00
CA ALA C 192 17.83 -3.41 33.42
C ALA C 192 17.71 -4.77 34.09
N LYS C 193 16.88 -4.84 35.13
CA LYS C 193 16.58 -6.11 35.78
C LYS C 193 15.50 -6.87 35.02
N LEU C 194 14.43 -6.17 34.64
CA LEU C 194 13.35 -6.70 33.85
C LEU C 194 13.12 -5.80 32.65
N VAL C 195 12.69 -6.41 31.56
CA VAL C 195 12.25 -5.70 30.36
C VAL C 195 10.87 -6.22 29.99
N VAL C 196 9.89 -5.32 29.88
CA VAL C 196 8.50 -5.64 29.61
C VAL C 196 8.19 -5.22 28.17
N PRO C 197 7.98 -6.16 27.26
CA PRO C 197 7.47 -5.82 25.92
C PRO C 197 5.96 -5.64 25.93
N SER C 198 5.45 -4.97 24.90
CA SER C 198 4.01 -4.86 24.73
C SER C 198 3.37 -6.21 24.46
N HIS C 199 4.01 -7.03 23.62
CA HIS C 199 3.28 -8.15 23.01
C HIS C 199 3.95 -9.48 23.24
N SER C 200 4.87 -9.58 24.19
CA SER C 200 5.38 -10.89 24.59
C SER C 200 5.75 -10.80 26.06
N GLU C 201 6.22 -11.91 26.62
CA GLU C 201 6.36 -12.01 28.06
C GLU C 201 7.57 -11.23 28.58
N VAL C 202 7.48 -10.84 29.85
CA VAL C 202 8.57 -10.18 30.54
C VAL C 202 9.83 -11.02 30.46
N GLY C 203 10.97 -10.37 30.26
CA GLY C 203 12.27 -11.01 30.32
C GLY C 203 13.32 -10.13 30.98
N ASP C 204 14.60 -10.46 30.84
CA ASP C 204 15.66 -9.63 31.38
C ASP C 204 16.27 -8.78 30.26
N ALA C 205 17.48 -8.27 30.48
CA ALA C 205 18.05 -7.35 29.50
C ALA C 205 18.42 -8.04 28.19
N SER C 206 18.44 -9.37 28.14
CA SER C 206 18.70 -10.02 26.86
C SER C 206 17.63 -9.69 25.82
N LEU C 207 16.43 -9.25 26.22
CA LEU C 207 15.45 -8.83 25.23
C LEU C 207 15.95 -7.64 24.41
N LEU C 208 16.86 -6.85 24.98
CA LEU C 208 17.43 -5.73 24.21
C LEU C 208 18.34 -6.25 23.10
N LYS C 209 19.17 -7.24 23.42
CA LYS C 209 20.05 -7.84 22.44
C LYS C 209 19.24 -8.53 21.34
N LEU C 210 18.20 -9.28 21.73
CA LEU C 210 17.34 -9.94 20.75
C LEU C 210 16.65 -8.91 19.85
N THR C 211 16.14 -7.82 20.43
CA THR C 211 15.51 -6.78 19.62
C THR C 211 16.47 -6.22 18.58
N LEU C 212 17.69 -5.92 18.98
CA LEU C 212 18.70 -5.43 18.06
C LEU C 212 18.97 -6.46 16.96
N GLU C 213 19.09 -7.74 17.33
CA GLU C 213 19.28 -8.78 16.33
C GLU C 213 18.10 -8.82 15.35
N GLN C 214 16.87 -8.73 15.85
CA GLN C 214 15.71 -8.72 14.95
C GLN C 214 15.69 -7.48 14.06
N ALA C 215 16.04 -6.31 14.62
CA ALA C 215 16.07 -5.10 13.79
C ALA C 215 17.08 -5.26 12.66
N VAL C 216 18.29 -5.74 12.98
CA VAL C 216 19.29 -5.95 11.94
C VAL C 216 18.79 -6.96 10.92
N LYS C 217 18.24 -8.08 11.41
CA LYS C 217 17.82 -9.11 10.46
C LYS C 217 16.64 -8.64 9.64
N GLY C 218 15.74 -7.84 10.22
CA GLY C 218 14.61 -7.34 9.45
C GLY C 218 15.03 -6.35 8.37
N LEU C 219 15.97 -5.46 8.70
CA LEU C 219 16.53 -4.60 7.65
C LEU C 219 17.21 -5.44 6.59
N ASN C 220 17.96 -6.47 7.01
CA ASN C 220 18.61 -7.32 6.01
C ASN C 220 17.60 -8.05 5.13
N GLU C 221 16.46 -8.49 5.70
CA GLU C 221 15.46 -9.19 4.91
C GLU C 221 14.82 -8.28 3.86
N SER C 222 14.73 -6.98 4.13
CA SER C 222 14.18 -6.03 3.17
C SER C 222 15.09 -5.86 1.94
N LYS C 223 16.35 -6.26 2.01
CA LYS C 223 17.27 -6.12 0.89
C LYS C 223 17.32 -7.34 -0.01
N LYS C 224 16.97 -8.52 0.51
CA LYS C 224 17.02 -9.73 -0.30
C LYS C 224 16.11 -9.56 -1.52
N PRO C 225 16.36 -10.32 -2.57
CA PRO C 225 15.50 -10.25 -3.75
C PRO C 225 14.19 -11.02 -3.54
N SER C 226 13.15 -10.55 -4.22
CA SER C 226 11.81 -11.12 -4.09
C SER C 226 11.79 -12.64 -4.29
N SER D 5 18.86 14.78 6.68
CA SER D 5 19.57 15.06 5.44
C SER D 5 18.61 15.48 4.33
N LEU D 6 19.08 16.37 3.46
CA LEU D 6 18.35 16.84 2.29
C LEU D 6 18.88 16.16 1.03
N PRO D 7 18.00 15.72 0.14
CA PRO D 7 18.44 15.18 -1.15
C PRO D 7 19.27 16.20 -1.91
N ASP D 8 20.08 15.68 -2.84
CA ASP D 8 20.91 16.54 -3.66
C ASP D 8 20.06 17.31 -4.68
N LEU D 9 20.60 18.44 -5.11
CA LEU D 9 20.02 19.19 -6.23
C LEU D 9 19.81 18.27 -7.43
N LYS D 10 18.62 18.34 -8.03
CA LYS D 10 18.28 17.58 -9.23
C LYS D 10 18.15 18.51 -10.43
N ILE D 11 18.64 18.05 -11.57
CA ILE D 11 18.53 18.76 -12.83
C ILE D 11 18.08 17.76 -13.88
N GLU D 12 16.93 18.02 -14.51
CA GLU D 12 16.31 17.04 -15.39
C GLU D 12 15.83 17.74 -16.65
N LYS D 13 16.04 17.11 -17.80
CA LYS D 13 15.63 17.72 -19.05
C LYS D 13 14.12 17.62 -19.19
N LEU D 14 13.47 18.75 -19.46
CA LEU D 14 12.03 18.77 -19.65
C LEU D 14 11.63 18.85 -21.11
N ASP D 15 12.42 19.57 -21.92
CA ASP D 15 12.17 19.75 -23.34
C ASP D 15 13.45 20.28 -23.93
N GLU D 16 13.45 20.47 -25.26
CA GLU D 16 14.62 21.04 -25.89
C GLU D 16 14.95 22.37 -25.24
N GLY D 17 16.10 22.45 -24.59
CA GLY D 17 16.54 23.69 -24.00
C GLY D 17 15.79 24.13 -22.77
N VAL D 18 15.07 23.22 -22.11
CA VAL D 18 14.37 23.53 -20.87
C VAL D 18 14.66 22.41 -19.87
N TYR D 19 15.32 22.76 -18.78
CA TYR D 19 15.59 21.85 -17.68
C TYR D 19 14.81 22.32 -16.45
N VAL D 20 14.44 21.36 -15.59
CA VAL D 20 13.84 21.63 -14.29
C VAL D 20 14.89 21.37 -13.24
N HIS D 21 15.10 22.32 -12.34
CA HIS D 21 15.98 22.10 -11.20
C HIS D 21 15.16 22.05 -9.91
N THR D 22 15.53 21.14 -9.02
CA THR D 22 14.78 20.89 -7.80
C THR D 22 15.76 20.88 -6.65
N SER D 23 15.54 21.77 -5.69
CA SER D 23 16.29 21.81 -4.44
C SER D 23 15.33 21.51 -3.29
N PHE D 24 15.89 21.26 -2.11
CA PHE D 24 15.08 20.76 -1.01
C PHE D 24 15.43 21.49 0.27
N GLU D 25 14.41 21.75 1.08
CA GLU D 25 14.56 22.49 2.33
C GLU D 25 13.61 21.91 3.36
N GLU D 26 14.01 21.97 4.63
CA GLU D 26 13.08 21.66 5.72
C GLU D 26 12.38 22.95 6.14
N VAL D 27 11.05 22.93 6.09
CA VAL D 27 10.24 24.09 6.42
C VAL D 27 9.25 23.70 7.51
N ASN D 28 9.07 24.58 8.48
CA ASN D 28 8.22 24.33 9.64
C ASN D 28 6.83 23.86 9.21
N GLY D 29 6.43 22.70 9.74
CA GLY D 29 5.09 22.18 9.55
C GLY D 29 4.85 21.45 8.26
N TRP D 30 5.89 21.19 7.47
CA TRP D 30 5.75 20.49 6.21
C TRP D 30 6.79 19.40 5.98
N GLY D 31 7.85 19.33 6.80
CA GLY D 31 8.91 18.36 6.58
C GLY D 31 9.91 18.86 5.57
N VAL D 32 10.36 17.98 4.66
CA VAL D 32 11.26 18.36 3.57
C VAL D 32 10.44 18.74 2.34
N VAL D 33 10.68 19.94 1.83
CA VAL D 33 9.89 20.54 0.77
C VAL D 33 10.73 20.57 -0.50
N PRO D 34 10.25 20.04 -1.61
CA PRO D 34 10.92 20.28 -2.90
C PRO D 34 10.53 21.63 -3.47
N LYS D 35 11.45 22.19 -4.28
CA LYS D 35 11.21 23.45 -4.99
C LYS D 35 11.77 23.30 -6.40
N HIS D 36 10.89 23.41 -7.39
CA HIS D 36 11.26 23.35 -8.80
C HIS D 36 11.44 24.76 -9.34
N GLY D 37 12.51 24.96 -10.10
CA GLY D 37 12.64 26.09 -11.00
C GLY D 37 13.05 25.56 -12.36
N LEU D 38 13.40 26.44 -13.29
CA LEU D 38 13.85 26.03 -14.61
C LEU D 38 15.23 26.59 -14.93
N VAL D 39 15.91 25.93 -15.85
CA VAL D 39 17.02 26.54 -16.58
C VAL D 39 16.66 26.50 -18.04
N VAL D 40 16.64 27.67 -18.68
CA VAL D 40 16.27 27.81 -20.09
C VAL D 40 17.52 28.15 -20.89
N LEU D 41 17.67 27.49 -22.05
CA LEU D 41 18.84 27.65 -22.90
C LEU D 41 18.45 28.38 -24.17
N VAL D 42 19.19 29.44 -24.49
CA VAL D 42 19.00 30.22 -25.71
C VAL D 42 20.38 30.52 -26.29
N ASN D 43 20.70 29.90 -27.43
CA ASN D 43 21.92 30.19 -28.16
C ASN D 43 23.15 29.97 -27.30
N ALA D 44 23.18 28.85 -26.58
CA ALA D 44 24.31 28.45 -25.75
C ALA D 44 24.49 29.31 -24.51
N GLU D 45 23.46 30.07 -24.13
CA GLU D 45 23.45 30.83 -22.90
C GLU D 45 22.26 30.39 -22.05
N ALA D 46 22.46 30.34 -20.74
CA ALA D 46 21.46 29.80 -19.81
C ALA D 46 20.85 30.92 -18.98
N TYR D 47 19.55 30.79 -18.72
CA TYR D 47 18.81 31.70 -17.86
C TYR D 47 18.14 30.89 -16.76
N LEU D 48 18.35 31.27 -15.50
CA LEU D 48 17.69 30.59 -14.39
C LEU D 48 16.31 31.18 -14.17
N ILE D 49 15.30 30.32 -14.06
CA ILE D 49 13.97 30.72 -13.66
C ILE D 49 13.80 30.31 -12.20
N ASP D 50 13.99 31.27 -11.30
CA ASP D 50 14.08 31.09 -9.85
C ASP D 50 15.43 30.51 -9.46
N THR D 51 15.95 30.94 -8.32
CA THR D 51 17.14 30.27 -7.82
C THR D 51 16.73 29.18 -6.84
N PRO D 52 17.60 28.20 -6.64
CA PRO D 52 17.42 27.27 -5.51
C PRO D 52 17.28 27.98 -4.17
N PHE D 53 17.01 27.19 -3.13
CA PHE D 53 16.82 27.74 -1.79
C PHE D 53 18.05 28.52 -1.32
N THR D 54 19.24 28.01 -1.65
CA THR D 54 20.49 28.41 -1.00
C THR D 54 21.49 28.84 -2.05
N ALA D 55 22.54 29.52 -1.57
CA ALA D 55 23.66 29.87 -2.41
C ALA D 55 24.44 28.63 -2.86
N LYS D 56 24.53 27.61 -2.00
CA LYS D 56 25.29 26.42 -2.37
C LYS D 56 24.69 25.75 -3.59
N ASP D 57 23.36 25.60 -3.62
CA ASP D 57 22.72 24.94 -4.74
C ASP D 57 22.65 25.85 -5.97
N THR D 58 22.59 27.16 -5.76
CA THR D 58 22.69 28.06 -6.90
C THR D 58 24.05 27.93 -7.57
N GLU D 59 25.11 27.75 -6.78
CA GLU D 59 26.43 27.56 -7.37
C GLU D 59 26.53 26.20 -8.05
N LYS D 60 26.07 25.14 -7.38
CA LYS D 60 25.99 23.82 -8.01
C LYS D 60 25.26 23.92 -9.34
N LEU D 61 24.10 24.55 -9.33
CA LEU D 61 23.30 24.69 -10.54
C LEU D 61 24.08 25.43 -11.62
N VAL D 62 24.65 26.58 -11.27
CA VAL D 62 25.37 27.39 -12.25
C VAL D 62 26.55 26.61 -12.80
N THR D 63 27.33 25.98 -11.90
N THR D 63 27.32 25.98 -11.89
CA THR D 63 28.53 25.28 -12.33
CA THR D 63 28.52 25.26 -12.30
C THR D 63 28.20 24.09 -13.21
C THR D 63 28.19 24.11 -13.24
N TRP D 64 27.04 23.45 -13.00
CA TRP D 64 26.65 22.33 -13.85
C TRP D 64 26.53 22.77 -15.31
N PHE D 65 26.00 23.98 -15.54
CA PHE D 65 25.82 24.48 -16.89
C PHE D 65 27.05 25.20 -17.43
N VAL D 66 27.86 25.80 -16.55
CA VAL D 66 29.09 26.44 -17.02
C VAL D 66 30.09 25.37 -17.45
N GLU D 67 30.17 24.28 -16.70
CA GLU D 67 31.03 23.16 -17.06
C GLU D 67 30.59 22.47 -18.35
N ARG D 68 29.39 22.75 -18.85
CA ARG D 68 28.91 22.17 -20.09
C ARG D 68 28.83 23.21 -21.21
N GLY D 69 29.51 24.34 -21.06
CA GLY D 69 29.64 25.30 -22.13
C GLY D 69 28.61 26.40 -22.18
N TYR D 70 27.75 26.51 -21.17
CA TYR D 70 26.68 27.50 -21.18
C TYR D 70 27.06 28.69 -20.30
N LYS D 71 26.96 29.88 -20.88
CA LYS D 71 27.14 31.13 -20.15
C LYS D 71 25.84 31.48 -19.42
N ILE D 72 25.94 31.75 -18.11
CA ILE D 72 24.78 32.19 -17.35
C ILE D 72 24.53 33.65 -17.68
N LYS D 73 23.46 33.91 -18.44
CA LYS D 73 23.13 35.29 -18.77
C LYS D 73 22.36 35.97 -17.65
N GLY D 74 21.57 35.23 -16.88
CA GLY D 74 20.89 35.84 -15.75
C GLY D 74 19.90 34.90 -15.09
N SER D 75 19.35 35.40 -13.99
CA SER D 75 18.31 34.72 -13.25
C SER D 75 17.13 35.68 -13.10
N ILE D 76 15.93 35.12 -13.09
CA ILE D 76 14.73 35.88 -12.78
C ILE D 76 14.02 35.16 -11.66
N SER D 77 13.62 35.89 -10.63
CA SER D 77 12.92 35.34 -9.47
C SER D 77 11.44 35.64 -9.57
N SER D 78 10.62 34.61 -9.33
CA SER D 78 9.19 34.70 -9.58
C SER D 78 8.40 35.37 -8.45
N HIS D 79 8.95 35.42 -7.25
CA HIS D 79 8.33 36.13 -6.13
C HIS D 79 9.40 36.25 -5.06
N PHE D 80 9.07 36.91 -3.95
CA PHE D 80 10.11 37.37 -3.05
C PHE D 80 10.53 36.34 -2.01
N HIS D 81 9.72 35.30 -1.75
CA HIS D 81 10.13 34.30 -0.77
C HIS D 81 11.48 33.68 -1.16
N SER D 82 12.19 33.16 -0.16
CA SER D 82 13.57 32.75 -0.39
C SER D 82 13.69 31.47 -1.19
N ASP D 83 12.61 30.73 -1.44
CA ASP D 83 12.73 29.58 -2.32
C ASP D 83 12.82 30.00 -3.79
N SER D 84 12.56 31.27 -4.09
CA SER D 84 12.77 31.85 -5.41
C SER D 84 13.95 32.80 -5.48
N THR D 85 14.42 33.31 -4.34
CA THR D 85 15.40 34.40 -4.30
C THR D 85 16.66 34.07 -3.53
N GLY D 86 16.74 32.88 -2.91
CA GLY D 86 17.84 32.58 -2.01
C GLY D 86 19.21 32.75 -2.63
N GLY D 87 19.34 32.47 -3.93
CA GLY D 87 20.64 32.59 -4.59
C GLY D 87 20.96 33.97 -5.16
N ILE D 88 20.07 34.95 -5.02
CA ILE D 88 20.28 36.25 -5.70
C ILE D 88 21.62 36.86 -5.28
N GLU D 89 21.89 36.91 -3.97
CA GLU D 89 23.12 37.53 -3.49
C GLU D 89 24.34 36.87 -4.10
N TRP D 90 24.37 35.53 -4.11
CA TRP D 90 25.52 34.84 -4.68
C TRP D 90 25.68 35.17 -6.17
N LEU D 91 24.58 35.18 -6.93
CA LEU D 91 24.68 35.56 -8.33
C LEU D 91 25.23 36.97 -8.48
N ASN D 92 24.74 37.92 -7.66
CA ASN D 92 25.26 39.28 -7.70
C ASN D 92 26.76 39.31 -7.47
N SER D 93 27.24 38.52 -6.49
CA SER D 93 28.66 38.51 -6.18
C SER D 93 29.49 37.99 -7.34
N ARG D 94 28.88 37.24 -8.26
CA ARG D 94 29.55 36.75 -9.45
C ARG D 94 29.26 37.62 -10.68
N SER D 95 28.60 38.77 -10.50
CA SER D 95 28.33 39.68 -11.61
C SER D 95 27.44 39.03 -12.66
N ILE D 96 26.53 38.17 -12.22
CA ILE D 96 25.51 37.58 -13.08
C ILE D 96 24.23 38.39 -12.90
N PRO D 97 23.67 38.95 -13.98
CA PRO D 97 22.48 39.79 -13.82
C PRO D 97 21.36 39.04 -13.13
N THR D 98 20.75 39.69 -12.14
CA THR D 98 19.59 39.16 -11.43
C THR D 98 18.39 40.07 -11.69
N TYR D 99 17.24 39.46 -11.95
CA TYR D 99 16.02 40.16 -12.31
C TYR D 99 14.91 39.80 -11.33
N ALA D 100 14.11 40.80 -10.99
CA ALA D 100 12.91 40.62 -10.19
C ALA D 100 11.97 41.77 -10.51
N SER D 101 10.67 41.57 -10.24
CA SER D 101 9.75 42.67 -10.42
C SER D 101 10.11 43.82 -9.47
N GLU D 102 9.66 45.02 -9.80
CA GLU D 102 9.82 46.14 -8.87
C GLU D 102 9.20 45.81 -7.52
N LEU D 103 7.99 45.24 -7.51
CA LEU D 103 7.36 44.90 -6.24
C LEU D 103 8.14 43.82 -5.50
N THR D 104 8.67 42.82 -6.22
CA THR D 104 9.49 41.79 -5.55
C THR D 104 10.70 42.42 -4.87
N ASN D 105 11.46 43.25 -5.60
CA ASN D 105 12.59 43.94 -4.99
C ASN D 105 12.14 44.79 -3.80
N GLU D 106 10.96 45.40 -3.89
CA GLU D 106 10.43 46.19 -2.78
C GLU D 106 10.14 45.31 -1.57
N LEU D 107 9.56 44.14 -1.78
CA LEU D 107 9.29 43.26 -0.65
C LEU D 107 10.58 42.68 -0.09
N LEU D 108 11.56 42.39 -0.95
CA LEU D 108 12.86 41.94 -0.47
C LEU D 108 13.49 43.00 0.43
N LYS D 109 13.40 44.26 0.02
CA LYS D 109 14.00 45.35 0.79
C LYS D 109 13.35 45.47 2.16
N LYS D 110 12.03 45.37 2.23
CA LYS D 110 11.34 45.50 3.51
C LYS D 110 11.67 44.34 4.43
N ASP D 111 11.97 43.18 3.88
CA ASP D 111 12.31 41.99 4.64
C ASP D 111 13.79 41.94 5.01
N GLY D 112 14.59 42.90 4.55
CA GLY D 112 16.01 42.92 4.83
C GLY D 112 16.80 41.92 4.03
N LYS D 113 16.41 41.67 2.79
CA LYS D 113 17.06 40.70 1.92
C LYS D 113 17.69 41.41 0.74
N VAL D 114 18.67 40.74 0.13
CA VAL D 114 19.38 41.31 -1.01
C VAL D 114 18.47 41.38 -2.23
N GLN D 115 18.54 42.48 -2.97
CA GLN D 115 17.69 42.70 -4.14
C GLN D 115 18.37 42.28 -5.45
N ALA D 116 17.55 41.97 -6.44
CA ALA D 116 18.01 41.83 -7.82
C ALA D 116 18.50 43.18 -8.37
N THR D 117 19.50 43.12 -9.25
CA THR D 117 20.11 44.32 -9.81
C THR D 117 19.37 44.85 -11.04
N ASN D 118 18.39 44.12 -11.54
CA ASN D 118 17.53 44.57 -12.63
C ASN D 118 16.10 44.37 -12.17
N SER D 119 15.28 45.41 -12.31
CA SER D 119 13.89 45.28 -11.95
C SER D 119 13.04 45.64 -13.16
N PHE D 120 11.84 45.07 -13.21
CA PHE D 120 10.89 45.30 -14.28
C PHE D 120 9.54 45.61 -13.67
N SER D 121 8.80 46.49 -14.34
CA SER D 121 7.49 46.99 -13.89
C SER D 121 6.43 46.53 -14.89
N GLY D 122 5.18 46.83 -14.58
CA GLY D 122 4.10 46.54 -15.50
C GLY D 122 3.74 45.06 -15.58
N VAL D 123 2.79 44.79 -16.46
CA VAL D 123 2.18 43.46 -16.54
C VAL D 123 3.04 42.49 -17.37
N ASN D 124 3.70 42.98 -18.42
CA ASN D 124 4.49 42.13 -19.30
C ASN D 124 5.93 42.60 -19.34
N TYR D 125 6.82 41.64 -19.50
CA TYR D 125 8.25 41.93 -19.65
C TYR D 125 8.87 40.77 -20.41
N TRP D 126 9.51 41.08 -21.54
CA TRP D 126 10.25 40.09 -22.33
C TRP D 126 11.68 40.06 -21.81
N LEU D 127 12.02 39.03 -21.03
CA LEU D 127 13.42 38.79 -20.70
C LEU D 127 14.22 38.47 -21.96
N VAL D 128 13.66 37.62 -22.82
CA VAL D 128 14.22 37.30 -24.13
C VAL D 128 13.05 37.25 -25.12
N LYS D 129 12.91 38.30 -25.92
CA LYS D 129 11.78 38.42 -26.84
C LYS D 129 11.58 37.13 -27.64
N ASN D 130 10.34 36.68 -27.71
CA ASN D 130 9.95 35.44 -28.38
C ASN D 130 10.54 34.20 -27.74
N LYS D 131 11.12 34.31 -26.55
CA LYS D 131 11.71 33.13 -25.93
C LYS D 131 11.35 33.01 -24.46
N ILE D 132 11.48 34.09 -23.70
CA ILE D 132 11.22 34.09 -22.26
C ILE D 132 10.43 35.33 -21.91
N GLU D 133 9.16 35.14 -21.55
CA GLU D 133 8.24 36.22 -21.23
C GLU D 133 7.80 36.11 -19.78
N VAL D 134 7.72 37.25 -19.10
CA VAL D 134 7.27 37.32 -17.72
C VAL D 134 5.93 38.03 -17.71
N PHE D 135 4.99 37.49 -16.94
CA PHE D 135 3.62 37.99 -16.89
C PHE D 135 3.15 38.06 -15.45
N TYR D 136 2.55 39.18 -15.09
CA TYR D 136 2.01 39.37 -13.75
C TYR D 136 0.51 39.18 -13.79
N PRO D 137 -0.03 38.10 -13.22
CA PRO D 137 -1.48 37.89 -13.27
C PRO D 137 -2.25 38.63 -12.20
N GLY D 138 -1.56 39.28 -11.26
CA GLY D 138 -2.21 39.89 -10.13
C GLY D 138 -1.83 39.19 -8.83
N PRO D 139 -2.31 39.71 -7.70
CA PRO D 139 -1.95 39.10 -6.42
C PRO D 139 -2.56 37.71 -6.25
N GLY D 140 -1.82 36.86 -5.53
CA GLY D 140 -2.34 35.56 -5.15
C GLY D 140 -1.61 34.97 -3.97
N HIS D 141 -0.72 34.03 -4.25
CA HIS D 141 0.15 33.46 -3.23
C HIS D 141 0.91 34.56 -2.49
N THR D 142 1.37 35.58 -3.22
CA THR D 142 1.97 36.80 -2.67
C THR D 142 1.52 37.98 -3.54
N PRO D 143 1.71 39.22 -3.09
CA PRO D 143 1.33 40.37 -3.93
C PRO D 143 2.09 40.43 -5.25
N ASP D 144 3.32 39.92 -5.28
CA ASP D 144 4.26 40.18 -6.36
C ASP D 144 4.40 39.01 -7.31
N ASN D 145 3.75 37.88 -7.05
CA ASN D 145 4.06 36.67 -7.79
C ASN D 145 3.80 36.84 -9.29
N VAL D 146 4.82 36.49 -10.08
CA VAL D 146 4.78 36.49 -11.53
C VAL D 146 5.02 35.07 -12.02
N VAL D 147 4.72 34.86 -13.30
CA VAL D 147 4.93 33.59 -13.98
C VAL D 147 5.84 33.85 -15.18
N VAL D 148 6.43 32.77 -15.70
CA VAL D 148 7.34 32.86 -16.83
C VAL D 148 6.85 31.93 -17.93
N TRP D 149 6.73 32.47 -19.15
CA TRP D 149 6.13 31.79 -20.28
C TRP D 149 7.18 31.59 -21.36
N LEU D 150 7.29 30.35 -21.86
CA LEU D 150 8.24 29.97 -22.90
C LEU D 150 7.48 29.72 -24.19
N PRO D 151 7.29 30.73 -25.04
CA PRO D 151 6.41 30.57 -26.21
C PRO D 151 6.87 29.52 -27.20
N GLU D 152 8.19 29.34 -27.36
CA GLU D 152 8.70 28.38 -28.32
C GLU D 152 8.28 26.95 -27.97
N ARG D 153 8.14 26.65 -26.67
CA ARG D 153 7.82 25.31 -26.19
C ARG D 153 6.46 25.22 -25.53
N LYS D 154 5.74 26.33 -25.40
CA LYS D 154 4.42 26.36 -24.76
C LYS D 154 4.48 25.78 -23.35
N ILE D 155 5.53 26.17 -22.61
CA ILE D 155 5.74 25.77 -21.24
C ILE D 155 5.58 27.00 -20.35
N LEU D 156 4.74 26.89 -19.33
CA LEU D 156 4.53 27.96 -18.35
C LEU D 156 5.15 27.52 -17.03
N PHE D 157 6.03 28.37 -16.49
CA PHE D 157 6.47 28.20 -15.11
C PHE D 157 5.55 29.04 -14.22
N GLY D 158 4.74 28.35 -13.42
CA GLY D 158 3.79 29.02 -12.54
C GLY D 158 4.32 29.38 -11.19
N GLY D 159 5.48 28.85 -10.80
CA GLY D 159 5.99 29.21 -9.50
C GLY D 159 5.04 28.80 -8.39
N CYS D 160 5.10 29.54 -7.28
CA CYS D 160 4.31 29.25 -6.09
C CYS D 160 2.87 29.75 -6.21
N PHE D 161 2.49 30.30 -7.35
CA PHE D 161 1.10 30.69 -7.59
C PHE D 161 0.23 29.49 -7.95
N ILE D 162 0.81 28.46 -8.56
CA ILE D 162 0.08 27.28 -9.00
C ILE D 162 -0.11 26.37 -7.79
N LYS D 163 -1.36 26.24 -7.33
CA LYS D 163 -1.67 25.55 -6.07
C LYS D 163 -2.81 24.58 -6.33
N PRO D 164 -2.53 23.45 -6.98
CA PRO D 164 -3.61 22.57 -7.46
C PRO D 164 -4.33 21.80 -6.36
N TYR D 165 -3.75 21.63 -5.18
CA TYR D 165 -4.35 20.76 -4.17
C TYR D 165 -4.76 21.51 -2.91
N GLY D 166 -4.44 22.79 -2.81
CA GLY D 166 -4.67 23.57 -1.61
C GLY D 166 -3.79 24.80 -1.69
N LEU D 167 -4.23 25.91 -1.10
CA LEU D 167 -3.52 27.17 -1.28
C LEU D 167 -2.26 27.28 -0.42
N GLY D 168 -2.18 26.52 0.67
CA GLY D 168 -0.99 26.54 1.50
C GLY D 168 -0.92 27.77 2.41
N ASN D 169 0.30 28.13 2.78
CA ASN D 169 0.55 29.24 3.70
C ASN D 169 0.00 30.54 3.15
N LEU D 170 -0.90 31.17 3.91
CA LEU D 170 -1.56 32.41 3.48
C LEU D 170 -0.99 33.66 4.16
N GLY D 171 0.16 33.55 4.84
CA GLY D 171 0.71 34.72 5.49
C GLY D 171 0.81 35.93 4.58
N ASP D 172 1.38 35.74 3.40
CA ASP D 172 1.57 36.83 2.45
C ASP D 172 0.54 36.83 1.33
N ALA D 173 -0.51 36.03 1.45
CA ALA D 173 -1.43 35.83 0.35
C ALA D 173 -2.49 36.93 0.32
N ASN D 174 -3.02 37.15 -0.87
CA ASN D 174 -4.17 38.03 -1.09
C ASN D 174 -5.31 37.12 -1.53
N ILE D 175 -5.98 36.52 -0.55
CA ILE D 175 -7.02 35.53 -0.84
C ILE D 175 -8.16 36.15 -1.63
N GLU D 176 -8.39 37.45 -1.49
CA GLU D 176 -9.52 38.06 -2.18
C GLU D 176 -9.23 38.33 -3.64
N ALA D 177 -7.97 38.54 -4.00
CA ALA D 177 -7.57 38.76 -5.39
C ALA D 177 -7.19 37.46 -6.11
N TRP D 178 -6.79 36.43 -5.38
CA TRP D 178 -6.30 35.21 -6.03
C TRP D 178 -7.27 34.67 -7.08
N PRO D 179 -8.58 34.57 -6.83
CA PRO D 179 -9.47 34.05 -7.87
C PRO D 179 -9.46 34.88 -9.14
N LYS D 180 -9.53 36.20 -9.02
CA LYS D 180 -9.42 37.06 -10.21
C LYS D 180 -8.09 36.82 -10.91
N SER D 181 -7.00 36.74 -10.14
CA SER D 181 -5.67 36.57 -10.74
C SER D 181 -5.54 35.21 -11.42
N ALA D 182 -6.13 34.17 -10.84
CA ALA D 182 -6.03 32.84 -11.41
C ALA D 182 -6.93 32.68 -12.64
N LYS D 183 -8.05 33.38 -12.66
CA LYS D 183 -8.90 33.41 -13.86
C LYS D 183 -8.16 34.06 -15.02
N LEU D 184 -7.51 35.19 -14.76
CA LEU D 184 -6.74 35.86 -15.81
C LEU D 184 -5.65 34.95 -16.35
N LEU D 185 -4.86 34.35 -15.46
CA LEU D 185 -3.80 33.44 -15.89
C LEU D 185 -4.38 32.27 -16.68
N LYS D 186 -5.52 31.73 -16.24
CA LYS D 186 -6.15 30.63 -16.95
C LYS D 186 -6.58 31.06 -18.36
N SER D 187 -7.12 32.29 -18.49
CA SER D 187 -7.52 32.73 -19.82
C SER D 187 -6.30 32.98 -20.71
N LYS D 188 -5.18 33.41 -20.13
CA LYS D 188 -4.04 33.79 -20.97
C LYS D 188 -3.23 32.58 -21.43
N TYR D 189 -3.12 31.55 -20.60
CA TYR D 189 -2.22 30.43 -20.91
C TYR D 189 -2.93 29.08 -20.98
N GLY D 190 -4.25 29.08 -21.24
CA GLY D 190 -4.99 27.83 -21.30
C GLY D 190 -4.50 26.89 -22.38
N LYS D 191 -3.73 27.39 -23.35
CA LYS D 191 -3.15 26.56 -24.39
C LYS D 191 -1.77 26.04 -24.04
N ALA D 192 -1.31 26.26 -22.81
CA ALA D 192 0.00 25.76 -22.39
C ALA D 192 0.07 24.25 -22.55
N LYS D 193 1.21 23.78 -23.06
CA LYS D 193 1.45 22.34 -23.19
C LYS D 193 1.79 21.73 -21.84
N LEU D 194 2.62 22.43 -21.06
CA LEU D 194 3.05 22.01 -19.74
C LEU D 194 2.94 23.19 -18.78
N VAL D 195 2.65 22.89 -17.52
CA VAL D 195 2.65 23.86 -16.43
C VAL D 195 3.54 23.32 -15.33
N VAL D 196 4.53 24.11 -14.91
CA VAL D 196 5.51 23.69 -13.92
C VAL D 196 5.24 24.45 -12.62
N PRO D 197 4.69 23.81 -11.60
CA PRO D 197 4.53 24.46 -10.30
C PRO D 197 5.82 24.40 -9.50
N SER D 198 5.86 25.19 -8.42
CA SER D 198 7.04 25.21 -7.56
C SER D 198 7.10 24.02 -6.62
N HIS D 199 5.95 23.54 -6.12
CA HIS D 199 5.95 22.59 -5.01
C HIS D 199 5.11 21.34 -5.31
N SER D 200 4.82 21.07 -6.58
CA SER D 200 4.16 19.84 -6.97
C SER D 200 4.60 19.51 -8.39
N GLU D 201 4.13 18.39 -8.91
CA GLU D 201 4.72 17.84 -10.12
C GLU D 201 4.23 18.57 -11.37
N VAL D 202 5.02 18.47 -12.44
CA VAL D 202 4.64 19.04 -13.72
C VAL D 202 3.30 18.48 -14.16
N GLY D 203 2.47 19.35 -14.75
CA GLY D 203 1.21 18.96 -15.35
C GLY D 203 0.96 19.68 -16.66
N ASP D 204 -0.26 19.58 -17.19
CA ASP D 204 -0.65 20.32 -18.39
C ASP D 204 -1.51 21.51 -17.97
N ALA D 205 -2.22 22.12 -18.93
CA ALA D 205 -2.99 23.31 -18.63
C ALA D 205 -4.00 23.10 -17.50
N SER D 206 -4.43 21.85 -17.25
CA SER D 206 -5.46 21.64 -16.24
C SER D 206 -5.04 22.14 -14.87
N LEU D 207 -3.74 22.28 -14.61
CA LEU D 207 -3.29 22.87 -13.34
C LEU D 207 -3.78 24.30 -13.17
N LEU D 208 -3.96 25.04 -14.27
CA LEU D 208 -4.50 26.38 -14.15
C LEU D 208 -5.95 26.33 -13.68
N LYS D 209 -6.73 25.40 -14.21
CA LYS D 209 -8.11 25.23 -13.77
C LYS D 209 -8.17 24.85 -12.29
N LEU D 210 -7.31 23.92 -11.86
CA LEU D 210 -7.32 23.51 -10.46
C LEU D 210 -6.92 24.65 -9.55
N THR D 211 -5.94 25.44 -9.95
CA THR D 211 -5.53 26.59 -9.15
C THR D 211 -6.69 27.55 -8.98
N LEU D 212 -7.37 27.86 -10.09
CA LEU D 212 -8.56 28.70 -10.01
C LEU D 212 -9.55 28.15 -8.99
N GLU D 213 -9.82 26.84 -9.05
CA GLU D 213 -10.82 26.25 -8.16
C GLU D 213 -10.38 26.35 -6.70
N GLN D 214 -9.09 26.14 -6.43
CA GLN D 214 -8.61 26.20 -5.05
C GLN D 214 -8.64 27.64 -4.51
N ALA D 215 -8.40 28.63 -5.38
CA ALA D 215 -8.53 30.02 -4.97
C ALA D 215 -9.97 30.35 -4.62
N VAL D 216 -10.91 30.02 -5.51
CA VAL D 216 -12.33 30.18 -5.20
C VAL D 216 -12.66 29.50 -3.88
N LYS D 217 -12.25 28.25 -3.72
CA LYS D 217 -12.57 27.52 -2.50
C LYS D 217 -11.93 28.17 -1.28
N GLY D 218 -10.64 28.54 -1.38
CA GLY D 218 -10.00 29.22 -0.27
C GLY D 218 -10.71 30.51 0.11
N LEU D 219 -11.09 31.29 -0.90
CA LEU D 219 -11.76 32.55 -0.61
C LEU D 219 -13.09 32.31 0.09
N ASN D 220 -13.89 31.36 -0.43
CA ASN D 220 -15.16 31.03 0.21
C ASN D 220 -14.95 30.61 1.66
N GLU D 221 -13.96 29.77 1.92
CA GLU D 221 -13.73 29.26 3.27
C GLU D 221 -13.44 30.37 4.27
N SER D 222 -12.94 31.52 3.82
CA SER D 222 -12.58 32.59 4.74
C SER D 222 -13.82 33.29 5.30
N LYS D 223 -14.94 32.58 5.37
CA LYS D 223 -16.18 33.13 5.94
C LYS D 223 -16.59 32.37 7.20
#